data_8P5I
#
_entry.id   8P5I
#
_cell.length_a   85.470
_cell.length_b   109.540
_cell.length_c   96.520
_cell.angle_alpha   90.000
_cell.angle_beta   92.839
_cell.angle_gamma   90.000
#
_symmetry.space_group_name_H-M   'P 1 21 1'
#
loop_
_entity.id
_entity.type
_entity.pdbx_description
1 polymer 'Serine/threonine-protein kinase ULK1'
2 non-polymer 5,11-dimethyl-2-[(1-piperidin-4-ylpyrazol-4-yl)amino]pyrimido[4,5-b][1,4]benzodiazepin-6-one
3 non-polymer 'MAGNESIUM ION'
4 non-polymer 'SODIUM ION'
5 non-polymer GLYCEROL
6 water water
#
_entity_poly.entity_id   1
_entity_poly.type   'polypeptide(L)'
_entity_poly.pdbx_seq_one_letter_code
;SMEPGRGGTETVGKFEFSRKDLIGHGAFAVVFKGRHREKHDLEVAVKCINKKNLAKSQTLLGKEIKILKELKHENIVALY
DFQEMANSVYLVMEYCNGGDLADYLHAMRTLSEDTIRLFLQQIAGAMRLLHSKGIIHRDLKPQNILLSNPAGRRANPNSI
RVKIADFGFARYLQSNMMAA(TPO)LCGSPMYMAPEVIMSQHYDGKADLWSIGTIVYQCLTGKAPFQASSPQDLRLFYEK
NKTLVPTIPAATSAPLRQLLLALLQRNHKDRMDFDEFFHHPFLDASPS
;
_entity_poly.pdbx_strand_id   A,B,C,D
#
loop_
_chem_comp.id
_chem_comp.type
_chem_comp.name
_chem_comp.formula
GOL non-polymer GLYCEROL 'C3 H8 O3'
MG non-polymer 'MAGNESIUM ION' 'Mg 2'
NA non-polymer 'SODIUM ION' 'Na 1'
WYX non-polymer 5,11-dimethyl-2-[(1-piperidin-4-ylpyrazol-4-yl)amino]pyrimido[4,5-b][1,4]benzodiazepin-6-one 'C21 H24 N8 O'
#
# COMPACT_ATOMS: atom_id res chain seq x y z
N THR A 9 -36.75 -13.88 15.86
CA THR A 9 -35.47 -14.65 15.79
C THR A 9 -34.82 -14.55 14.41
N GLU A 10 -33.58 -14.08 14.37
CA GLU A 10 -32.82 -14.00 13.12
C GLU A 10 -31.66 -14.97 13.21
N THR A 11 -31.19 -15.47 12.06
CA THR A 11 -30.10 -16.43 12.05
C THR A 11 -28.99 -15.87 11.16
N VAL A 12 -27.76 -16.20 11.54
CA VAL A 12 -26.56 -15.85 10.82
C VAL A 12 -25.71 -17.09 10.92
N GLY A 13 -25.59 -17.83 9.81
CA GLY A 13 -24.87 -19.07 9.83
C GLY A 13 -25.48 -20.02 10.84
N LYS A 14 -24.62 -20.64 11.67
CA LYS A 14 -25.06 -21.57 12.69
CA LYS A 14 -25.02 -21.58 12.70
C LYS A 14 -25.42 -20.87 14.01
N PHE A 15 -25.72 -19.57 13.96
CA PHE A 15 -26.02 -18.79 15.16
C PHE A 15 -27.36 -18.08 15.00
N GLU A 16 -27.94 -17.66 16.13
CA GLU A 16 -29.19 -16.92 16.10
C GLU A 16 -29.27 -15.91 17.24
N PHE A 17 -30.15 -14.93 17.07
CA PHE A 17 -30.37 -13.92 18.07
C PHE A 17 -31.77 -13.32 17.89
N SER A 18 -32.26 -12.71 18.97
CA SER A 18 -33.43 -11.87 18.92
C SER A 18 -33.05 -10.42 19.20
N ARG A 19 -33.67 -9.51 18.46
CA ARG A 19 -33.48 -8.08 18.67
C ARG A 19 -34.10 -7.59 19.98
N LYS A 20 -34.76 -8.46 20.72
CA LYS A 20 -35.21 -8.12 22.06
C LYS A 20 -34.01 -8.09 23.01
N ASP A 21 -32.91 -8.78 22.67
CA ASP A 21 -31.82 -8.99 23.60
C ASP A 21 -30.67 -8.02 23.31
N LEU A 22 -30.99 -6.74 23.25
CA LEU A 22 -30.03 -5.68 23.02
C LEU A 22 -29.05 -5.59 24.18
N ILE A 23 -27.74 -5.65 23.91
CA ILE A 23 -26.74 -5.49 24.97
C ILE A 23 -25.83 -4.28 24.74
N GLY A 24 -25.95 -3.60 23.61
CA GLY A 24 -25.20 -2.37 23.40
C GLY A 24 -25.65 -1.66 22.15
N HIS A 25 -25.52 -0.33 22.17
CA HIS A 25 -25.77 0.48 21.00
C HIS A 25 -24.75 1.63 21.01
N GLY A 26 -24.34 2.02 19.81
CA GLY A 26 -23.60 3.25 19.57
C GLY A 26 -24.05 3.76 18.22
N ALA A 27 -23.46 4.88 17.80
CA ALA A 27 -23.85 5.47 16.53
C ALA A 27 -23.58 4.52 15.37
N PHE A 28 -22.58 3.62 15.49
CA PHE A 28 -22.16 2.83 14.33
C PHE A 28 -22.37 1.32 14.49
N ALA A 29 -23.00 0.87 15.57
CA ALA A 29 -23.25 -0.54 15.74
C ALA A 29 -24.28 -0.79 16.83
N VAL A 30 -25.01 -1.90 16.68
CA VAL A 30 -25.91 -2.43 17.70
CA VAL A 30 -25.91 -2.43 17.70
C VAL A 30 -25.50 -3.87 17.94
N VAL A 31 -25.51 -4.27 19.21
CA VAL A 31 -25.08 -5.59 19.56
C VAL A 31 -26.22 -6.30 20.33
N PHE A 32 -26.45 -7.55 19.93
CA PHE A 32 -27.47 -8.39 20.58
C PHE A 32 -26.82 -9.63 21.15
N LYS A 33 -27.34 -10.10 22.27
CA LYS A 33 -26.94 -11.39 22.77
C LYS A 33 -27.62 -12.47 21.91
N GLY A 34 -26.90 -13.58 21.64
CA GLY A 34 -27.41 -14.67 20.82
C GLY A 34 -26.80 -15.98 21.28
N ARG A 35 -26.92 -17.01 20.44
CA ARG A 35 -26.47 -18.33 20.80
C ARG A 35 -26.26 -19.15 19.53
N HIS A 36 -25.52 -20.24 19.70
CA HIS A 36 -25.39 -21.27 18.69
CA HIS A 36 -25.39 -21.27 18.69
C HIS A 36 -26.77 -21.93 18.49
N ARG A 37 -27.15 -22.17 17.24
CA ARG A 37 -28.47 -22.71 16.92
C ARG A 37 -28.59 -24.16 17.37
N GLU A 38 -27.48 -24.89 17.41
CA GLU A 38 -27.47 -26.29 17.82
C GLU A 38 -27.21 -26.41 19.32
N LYS A 39 -26.18 -25.70 19.83
CA LYS A 39 -25.81 -25.80 21.24
C LYS A 39 -26.22 -24.51 21.95
N HIS A 40 -27.46 -24.52 22.46
CA HIS A 40 -28.08 -23.30 22.94
C HIS A 40 -27.31 -22.65 24.10
N ASP A 41 -26.51 -23.45 24.79
CA ASP A 41 -25.72 -23.00 25.93
C ASP A 41 -24.51 -22.18 25.49
N LEU A 42 -24.10 -22.24 24.22
CA LEU A 42 -22.96 -21.45 23.74
C LEU A 42 -23.45 -20.05 23.40
N GLU A 43 -23.08 -19.08 24.25
CA GLU A 43 -23.52 -17.71 24.09
C GLU A 43 -22.58 -16.95 23.15
N VAL A 44 -23.13 -16.00 22.38
CA VAL A 44 -22.37 -15.15 21.47
C VAL A 44 -23.02 -13.79 21.51
N ALA A 45 -22.38 -12.81 20.87
CA ALA A 45 -22.92 -11.49 20.70
C ALA A 45 -22.90 -11.19 19.21
N VAL A 46 -24.01 -10.71 18.67
CA VAL A 46 -24.08 -10.44 17.26
C VAL A 46 -24.09 -8.94 17.06
N LYS A 47 -23.09 -8.45 16.32
CA LYS A 47 -23.01 -7.04 16.04
C LYS A 47 -23.58 -6.77 14.64
N CYS A 48 -24.44 -5.75 14.57
CA CYS A 48 -25.22 -5.35 13.40
C CYS A 48 -25.05 -3.88 13.13
N ILE A 49 -25.45 -3.51 11.92
CA ILE A 49 -25.50 -2.12 11.49
C ILE A 49 -26.43 -1.34 12.40
N ASN A 50 -26.06 -0.09 12.65
CA ASN A 50 -27.01 0.90 13.12
C ASN A 50 -27.53 1.68 11.92
N LYS A 51 -28.83 1.49 11.62
CA LYS A 51 -29.43 2.02 10.40
C LYS A 51 -29.47 3.54 10.41
N LYS A 52 -29.39 4.17 11.58
CA LYS A 52 -29.36 5.62 11.65
C LYS A 52 -28.07 6.19 11.06
N ASN A 53 -27.04 5.34 10.88
CA ASN A 53 -25.80 5.79 10.26
C ASN A 53 -25.33 4.69 9.33
N LEU A 54 -26.16 4.36 8.34
CA LEU A 54 -26.04 3.11 7.61
C LEU A 54 -24.68 2.99 6.93
N ALA A 55 -24.28 4.01 6.17
CA ALA A 55 -23.09 3.87 5.34
C ALA A 55 -21.85 3.73 6.22
N LYS A 56 -21.71 4.59 7.23
CA LYS A 56 -20.52 4.58 8.05
C LYS A 56 -20.50 3.30 8.88
N SER A 57 -21.68 2.92 9.39
CA SER A 57 -21.81 1.69 10.16
C SER A 57 -21.35 0.49 9.33
N GLN A 58 -21.82 0.43 8.09
CA GLN A 58 -21.43 -0.66 7.21
C GLN A 58 -19.91 -0.67 6.99
N THR A 59 -19.32 0.50 6.78
CA THR A 59 -17.87 0.60 6.58
C THR A 59 -17.11 0.08 7.80
N LEU A 60 -17.52 0.52 9.00
CA LEU A 60 -16.77 0.20 10.21
C LEU A 60 -16.88 -1.28 10.57
N LEU A 61 -18.07 -1.88 10.39
CA LEU A 61 -18.21 -3.30 10.65
CA LEU A 61 -18.21 -3.30 10.65
C LEU A 61 -17.39 -4.10 9.65
N GLY A 62 -17.35 -3.65 8.39
CA GLY A 62 -16.50 -4.32 7.41
C GLY A 62 -15.01 -4.26 7.79
N LYS A 63 -14.57 -3.11 8.27
CA LYS A 63 -13.17 -2.96 8.70
C LYS A 63 -12.87 -3.86 9.90
N GLU A 64 -13.82 -3.95 10.83
CA GLU A 64 -13.63 -4.80 11.99
C GLU A 64 -13.47 -6.25 11.56
N ILE A 65 -14.29 -6.73 10.60
CA ILE A 65 -14.11 -8.09 10.11
C ILE A 65 -12.70 -8.28 9.55
N LYS A 66 -12.28 -7.35 8.69
CA LYS A 66 -10.98 -7.46 8.02
C LYS A 66 -9.84 -7.61 9.02
N ILE A 67 -9.90 -6.84 10.11
CA ILE A 67 -8.85 -6.87 11.11
C ILE A 67 -8.98 -8.09 12.01
N LEU A 68 -10.17 -8.34 12.57
CA LEU A 68 -10.31 -9.38 13.56
C LEU A 68 -10.18 -10.77 12.96
N LYS A 69 -10.47 -10.95 11.68
CA LYS A 69 -10.25 -12.28 11.13
C LYS A 69 -8.76 -12.60 11.14
N GLU A 70 -7.85 -11.62 11.35
CA GLU A 70 -6.43 -11.90 11.40
C GLU A 70 -5.86 -11.97 12.83
N LEU A 71 -6.68 -11.73 13.88
CA LEU A 71 -6.19 -11.60 15.26
C LEU A 71 -6.89 -12.64 16.12
N LYS A 72 -6.17 -13.64 16.63
CA LYS A 72 -6.72 -14.58 17.57
C LYS A 72 -5.87 -14.52 18.84
N HIS A 73 -6.49 -14.11 19.94
CA HIS A 73 -5.77 -13.96 21.18
C HIS A 73 -6.78 -13.98 22.31
N GLU A 74 -6.40 -14.55 23.44
CA GLU A 74 -7.33 -14.64 24.57
C GLU A 74 -7.72 -13.28 25.13
N ASN A 75 -6.95 -12.20 24.84
CA ASN A 75 -7.28 -10.87 25.35
C ASN A 75 -7.77 -9.95 24.23
N ILE A 76 -8.20 -10.52 23.10
CA ILE A 76 -8.88 -9.78 22.06
C ILE A 76 -10.22 -10.45 21.77
N VAL A 77 -11.28 -9.65 21.68
CA VAL A 77 -12.60 -10.19 21.43
CA VAL A 77 -12.60 -10.18 21.42
C VAL A 77 -12.56 -11.09 20.20
N ALA A 78 -13.12 -12.31 20.33
CA ALA A 78 -13.09 -13.28 19.26
C ALA A 78 -14.21 -13.00 18.26
N LEU A 79 -13.90 -13.31 17.00
CA LEU A 79 -14.81 -13.27 15.88
C LEU A 79 -15.02 -14.71 15.44
N TYR A 80 -16.19 -15.27 15.74
CA TYR A 80 -16.47 -16.67 15.44
C TYR A 80 -16.87 -16.84 13.98
N ASP A 81 -17.67 -15.88 13.46
CA ASP A 81 -18.11 -15.90 12.07
C ASP A 81 -18.61 -14.52 11.74
N PHE A 82 -18.99 -14.33 10.49
CA PHE A 82 -19.46 -13.06 10.01
C PHE A 82 -20.24 -13.31 8.70
N GLN A 83 -21.00 -12.31 8.30
CA GLN A 83 -21.75 -12.38 7.05
C GLN A 83 -21.82 -11.01 6.44
N GLU A 84 -21.12 -10.87 5.30
CA GLU A 84 -21.15 -9.64 4.56
C GLU A 84 -21.85 -9.85 3.22
N MET A 85 -22.78 -8.93 2.94
CA MET A 85 -23.55 -8.88 1.73
C MET A 85 -23.52 -7.43 1.25
N ALA A 86 -24.13 -7.15 0.09
CA ALA A 86 -24.11 -5.79 -0.42
C ALA A 86 -24.75 -4.80 0.54
N ASN A 87 -25.87 -5.18 1.17
CA ASN A 87 -26.65 -4.21 1.91
C ASN A 87 -26.75 -4.56 3.39
N SER A 88 -26.00 -5.55 3.88
CA SER A 88 -26.05 -5.92 5.28
C SER A 88 -24.72 -6.55 5.69
N VAL A 89 -24.42 -6.42 6.99
CA VAL A 89 -23.23 -6.99 7.58
CA VAL A 89 -23.23 -7.00 7.58
C VAL A 89 -23.55 -7.38 9.01
N TYR A 90 -23.09 -8.58 9.40
CA TYR A 90 -23.22 -9.12 10.74
C TYR A 90 -21.89 -9.70 11.17
N LEU A 91 -21.53 -9.52 12.45
CA LEU A 91 -20.41 -10.20 13.04
C LEU A 91 -20.91 -11.05 14.20
N VAL A 92 -20.46 -12.29 14.25
CA VAL A 92 -20.73 -13.16 15.37
C VAL A 92 -19.49 -13.23 16.25
N MET A 93 -19.64 -12.68 17.46
CA MET A 93 -18.50 -12.36 18.31
C MET A 93 -18.64 -12.98 19.69
N GLU A 94 -17.51 -13.01 20.39
CA GLU A 94 -17.42 -13.42 21.77
C GLU A 94 -18.34 -12.55 22.65
N TYR A 95 -19.10 -13.22 23.50
CA TYR A 95 -19.93 -12.55 24.50
C TYR A 95 -19.14 -12.50 25.81
N CYS A 96 -18.87 -11.28 26.26
CA CYS A 96 -18.10 -11.02 27.47
C CYS A 96 -19.07 -10.76 28.61
N ASN A 97 -19.14 -11.68 29.56
CA ASN A 97 -20.25 -11.66 30.53
C ASN A 97 -20.11 -10.63 31.65
N GLY A 98 -18.97 -9.92 31.72
CA GLY A 98 -18.71 -8.91 32.74
C GLY A 98 -18.97 -7.48 32.30
N GLY A 99 -19.44 -7.24 31.06
CA GLY A 99 -19.64 -5.90 30.54
C GLY A 99 -18.29 -5.19 30.30
N ASP A 100 -18.26 -3.88 30.45
CA ASP A 100 -17.08 -3.11 30.06
C ASP A 100 -16.37 -2.57 31.30
N LEU A 101 -15.12 -2.13 31.08
CA LEU A 101 -14.31 -1.59 32.14
C LEU A 101 -14.94 -0.30 32.63
N ALA A 102 -15.60 0.46 31.76
CA ALA A 102 -16.17 1.74 32.17
C ALA A 102 -17.16 1.54 33.33
N ASP A 103 -18.06 0.56 33.17
CA ASP A 103 -19.11 0.31 34.15
C ASP A 103 -18.50 -0.25 35.42
N TYR A 104 -17.47 -1.08 35.28
CA TYR A 104 -16.75 -1.66 36.41
C TYR A 104 -16.08 -0.55 37.22
N LEU A 105 -15.42 0.40 36.55
CA LEU A 105 -14.77 1.50 37.24
CA LEU A 105 -14.78 1.51 37.23
C LEU A 105 -15.80 2.41 37.93
N HIS A 106 -16.95 2.63 37.29
CA HIS A 106 -18.00 3.44 37.88
C HIS A 106 -18.45 2.82 39.21
N ALA A 107 -18.60 1.49 39.24
CA ALA A 107 -19.03 0.79 40.43
C ALA A 107 -17.92 0.79 41.48
N MET A 108 -16.68 0.53 41.08
CA MET A 108 -15.60 0.39 42.06
C MET A 108 -15.05 1.75 42.49
N ARG A 109 -15.23 2.81 41.70
CA ARG A 109 -14.64 4.13 41.86
C ARG A 109 -13.18 4.15 41.39
N THR A 110 -12.33 3.36 42.03
CA THR A 110 -10.93 3.23 41.68
C THR A 110 -10.57 1.77 41.84
N LEU A 111 -9.52 1.32 41.15
CA LEU A 111 -9.01 -0.03 41.32
C LEU A 111 -7.71 -0.02 42.07
N SER A 112 -7.42 -1.13 42.77
CA SER A 112 -6.14 -1.30 43.42
C SER A 112 -5.02 -1.42 42.38
N GLU A 113 -3.78 -1.13 42.79
CA GLU A 113 -2.63 -1.33 41.92
C GLU A 113 -2.52 -2.78 41.48
N ASP A 114 -2.84 -3.72 42.39
CA ASP A 114 -2.72 -5.12 42.03
C ASP A 114 -3.71 -5.48 40.91
N THR A 115 -4.93 -4.96 40.99
CA THR A 115 -5.94 -5.21 39.96
C THR A 115 -5.51 -4.55 38.64
N ILE A 116 -5.04 -3.31 38.73
CA ILE A 116 -4.53 -2.60 37.55
C ILE A 116 -3.41 -3.41 36.89
N ARG A 117 -2.50 -3.98 37.67
CA ARG A 117 -1.43 -4.78 37.11
C ARG A 117 -1.98 -6.00 36.35
N LEU A 118 -2.92 -6.72 36.97
CA LEU A 118 -3.49 -7.90 36.35
C LEU A 118 -4.14 -7.52 35.02
N PHE A 119 -4.93 -6.43 35.02
CA PHE A 119 -5.60 -6.01 33.79
C PHE A 119 -4.58 -5.56 32.73
N LEU A 120 -3.56 -4.81 33.16
CA LEU A 120 -2.61 -4.25 32.21
C LEU A 120 -1.71 -5.33 31.65
N GLN A 121 -1.40 -6.40 32.40
CA GLN A 121 -0.65 -7.51 31.87
C GLN A 121 -1.39 -8.11 30.66
N GLN A 122 -2.69 -8.16 30.77
CA GLN A 122 -3.54 -8.74 29.74
CA GLN A 122 -3.54 -8.74 29.74
C GLN A 122 -3.62 -7.81 28.54
N ILE A 123 -3.83 -6.52 28.78
CA ILE A 123 -3.81 -5.53 27.70
C ILE A 123 -2.46 -5.58 26.96
N ALA A 124 -1.35 -5.64 27.72
CA ALA A 124 -0.04 -5.75 27.13
C ALA A 124 0.11 -6.98 26.23
N GLY A 125 -0.43 -8.14 26.64
CA GLY A 125 -0.39 -9.35 25.82
C GLY A 125 -1.09 -9.11 24.47
N ALA A 126 -2.25 -8.49 24.51
CA ALA A 126 -3.00 -8.20 23.29
C ALA A 126 -2.18 -7.25 22.41
N MET A 127 -1.62 -6.22 23.04
CA MET A 127 -0.88 -5.20 22.30
C MET A 127 0.36 -5.79 21.68
N ARG A 128 0.98 -6.80 22.30
CA ARG A 128 2.13 -7.41 21.69
C ARG A 128 1.75 -8.03 20.34
N LEU A 129 0.56 -8.65 20.27
CA LEU A 129 0.12 -9.21 19.00
C LEU A 129 -0.22 -8.13 17.97
N LEU A 130 -0.99 -7.08 18.35
CA LEU A 130 -1.27 -5.99 17.44
C LEU A 130 0.05 -5.43 16.88
N HIS A 131 0.98 -5.14 17.78
CA HIS A 131 2.26 -4.55 17.36
C HIS A 131 3.04 -5.48 16.41
N SER A 132 3.06 -6.79 16.70
CA SER A 132 3.80 -7.73 15.84
C SER A 132 3.12 -7.84 14.49
N LYS A 133 1.80 -7.61 14.43
CA LYS A 133 1.08 -7.70 13.16
C LYS A 133 1.06 -6.38 12.42
N GLY A 134 1.54 -5.30 13.03
CA GLY A 134 1.53 -3.99 12.41
C GLY A 134 0.16 -3.30 12.38
N ILE A 135 -0.67 -3.59 13.40
CA ILE A 135 -1.99 -3.04 13.53
C ILE A 135 -2.05 -2.05 14.69
N ILE A 136 -2.72 -0.92 14.44
CA ILE A 136 -2.99 0.07 15.50
C ILE A 136 -4.51 0.14 15.68
N HIS A 137 -4.93 0.32 16.94
CA HIS A 137 -6.34 0.18 17.28
C HIS A 137 -7.15 1.47 17.09
N ARG A 138 -6.63 2.54 17.70
CA ARG A 138 -7.05 3.93 17.55
C ARG A 138 -8.34 4.28 18.29
N ASP A 139 -8.93 3.38 19.08
CA ASP A 139 -10.13 3.77 19.85
C ASP A 139 -10.12 3.11 21.21
N LEU A 140 -8.95 3.07 21.84
CA LEU A 140 -8.85 2.41 23.13
C LEU A 140 -9.43 3.39 24.18
N LYS A 141 -10.33 2.86 24.98
CA LYS A 141 -11.01 3.61 26.04
C LYS A 141 -11.73 2.56 26.89
N PRO A 142 -12.15 2.88 28.14
CA PRO A 142 -12.74 1.85 28.98
C PRO A 142 -14.00 1.19 28.41
N GLN A 143 -14.77 1.87 27.59
CA GLN A 143 -15.97 1.33 26.98
C GLN A 143 -15.58 0.18 26.00
N ASN A 144 -14.33 0.18 25.53
CA ASN A 144 -13.86 -0.80 24.53
C ASN A 144 -12.93 -1.82 25.13
N ILE A 145 -12.88 -1.89 26.47
CA ILE A 145 -12.19 -2.93 27.20
C ILE A 145 -13.29 -3.76 27.86
N LEU A 146 -13.44 -5.00 27.46
CA LEU A 146 -14.53 -5.83 28.00
C LEU A 146 -13.95 -6.79 29.01
N LEU A 147 -14.85 -7.29 29.89
CA LEU A 147 -14.47 -8.18 30.96
C LEU A 147 -15.32 -9.47 30.91
N SER A 148 -14.67 -10.55 31.24
CA SER A 148 -15.31 -11.85 31.32
C SER A 148 -14.86 -12.58 32.60
N ASN A 149 -15.84 -13.18 33.27
CA ASN A 149 -15.65 -13.84 34.57
C ASN A 149 -15.86 -15.34 34.30
N PRO A 150 -14.86 -16.23 34.45
CA PRO A 150 -14.99 -17.60 33.96
C PRO A 150 -16.05 -18.43 34.71
N ALA A 155 -16.19 -14.01 41.27
CA ALA A 155 -16.21 -12.73 40.54
C ALA A 155 -15.16 -11.76 41.12
N ASN A 156 -14.05 -12.33 41.60
CA ASN A 156 -12.98 -11.54 42.20
C ASN A 156 -11.95 -11.15 41.13
N PRO A 157 -11.30 -9.97 41.27
CA PRO A 157 -10.30 -9.48 40.32
C PRO A 157 -9.19 -10.38 39.77
N ASN A 158 -8.77 -11.42 40.48
CA ASN A 158 -7.78 -12.36 40.00
C ASN A 158 -8.28 -13.22 38.83
N SER A 159 -9.59 -13.40 38.73
CA SER A 159 -10.14 -14.31 37.74
C SER A 159 -10.65 -13.52 36.53
N ILE A 160 -10.76 -12.19 36.61
CA ILE A 160 -11.31 -11.41 35.51
C ILE A 160 -10.35 -11.51 34.33
N ARG A 161 -10.93 -11.77 33.16
CA ARG A 161 -10.19 -11.78 31.90
C ARG A 161 -10.64 -10.57 31.09
N VAL A 162 -9.66 -9.82 30.57
CA VAL A 162 -9.93 -8.57 29.87
CA VAL A 162 -9.93 -8.57 29.88
C VAL A 162 -9.79 -8.84 28.37
N LYS A 163 -10.68 -8.21 27.57
CA LYS A 163 -10.59 -8.35 26.13
C LYS A 163 -10.70 -6.97 25.48
N ILE A 164 -9.71 -6.64 24.63
CA ILE A 164 -9.83 -5.43 23.85
C ILE A 164 -10.87 -5.68 22.77
N ALA A 165 -11.72 -4.68 22.54
CA ALA A 165 -12.82 -4.79 21.59
C ALA A 165 -12.88 -3.58 20.68
N ASP A 166 -13.83 -3.60 19.75
CA ASP A 166 -14.20 -2.52 18.84
CA ASP A 166 -14.19 -2.50 18.85
C ASP A 166 -13.02 -2.10 17.96
N PHE A 167 -12.76 -2.90 16.93
CA PHE A 167 -11.67 -2.71 16.01
C PHE A 167 -12.11 -2.04 14.72
N GLY A 168 -13.25 -1.34 14.74
CA GLY A 168 -13.74 -0.66 13.55
C GLY A 168 -12.87 0.50 13.06
N PHE A 169 -12.06 1.11 13.93
CA PHE A 169 -11.16 2.17 13.53
C PHE A 169 -9.73 1.71 13.35
N ALA A 170 -9.48 0.43 13.57
CA ALA A 170 -8.13 -0.09 13.49
C ALA A 170 -7.64 -0.13 12.03
N ARG A 171 -6.32 -0.07 11.87
CA ARG A 171 -5.70 -0.13 10.55
C ARG A 171 -4.33 -0.77 10.65
N TYR A 172 -3.90 -1.36 9.51
CA TYR A 172 -2.48 -1.64 9.32
C TYR A 172 -1.72 -0.35 9.13
N LEU A 173 -0.59 -0.25 9.80
CA LEU A 173 0.33 0.85 9.56
C LEU A 173 1.72 0.26 9.37
N GLN A 174 2.24 0.44 8.15
CA GLN A 174 3.58 -0.02 7.86
C GLN A 174 4.58 0.71 8.78
N SER A 175 5.62 -0.01 9.20
CA SER A 175 6.48 0.46 10.28
C SER A 175 7.24 1.72 9.90
N ASN A 176 7.44 2.05 8.63
CA ASN A 176 8.11 3.28 8.28
C ASN A 176 7.13 4.39 7.88
N MET A 177 5.84 4.19 8.13
CA MET A 177 4.82 5.15 7.72
CA MET A 177 4.82 5.15 7.72
C MET A 177 4.12 5.74 8.95
N MET A 178 3.32 6.80 8.73
CA MET A 178 2.54 7.44 9.76
CA MET A 178 2.53 7.44 9.77
C MET A 178 1.07 7.51 9.32
N ALA A 179 0.15 7.50 10.28
CA ALA A 179 -1.27 7.65 10.03
C ALA A 179 -1.65 9.12 10.28
N ALA A 180 -2.78 9.52 9.72
CA ALA A 180 -3.24 10.88 9.96
C ALA A 180 -4.75 11.01 10.09
N TPO A 181 -5.51 9.92 10.05
CA TPO A 181 -6.94 10.00 10.16
CB TPO A 181 -7.60 8.70 9.80
CG2 TPO A 181 -9.10 8.73 9.96
OG1 TPO A 181 -7.23 8.39 8.39
P TPO A 181 -6.42 7.02 8.11
O1P TPO A 181 -6.03 7.25 6.62
O2P TPO A 181 -5.20 6.97 9.01
O3P TPO A 181 -7.39 5.95 8.35
C TPO A 181 -7.36 10.42 11.59
O TPO A 181 -6.92 9.83 12.56
H TPO A 181 -5.13 9.10 9.95
HA TPO A 181 -7.26 10.69 9.53
HB TPO A 181 -7.23 7.99 10.39
HG21 TPO A 181 -9.41 9.64 9.90
HG22 TPO A 181 -9.34 8.36 10.83
HG23 TPO A 181 -9.51 8.20 9.25
N LEU A 182 -8.21 11.44 11.67
CA LEU A 182 -8.74 11.87 12.96
C LEU A 182 -9.86 10.95 13.39
N CYS A 183 -9.58 10.09 14.37
CA CYS A 183 -10.55 9.17 14.89
C CYS A 183 -10.14 8.83 16.31
N GLY A 184 -11.09 8.29 17.07
CA GLY A 184 -10.86 7.98 18.48
C GLY A 184 -11.76 8.84 19.37
N SER A 185 -11.60 8.67 20.66
CA SER A 185 -12.36 9.44 21.64
CA SER A 185 -12.36 9.43 21.65
C SER A 185 -11.47 10.52 22.23
N PRO A 186 -11.80 11.83 22.08
CA PRO A 186 -10.89 12.92 22.48
C PRO A 186 -10.22 12.84 23.83
N MET A 187 -10.92 12.36 24.87
CA MET A 187 -10.31 12.30 26.19
C MET A 187 -9.22 11.22 26.24
N TYR A 188 -9.19 10.28 25.26
CA TYR A 188 -8.21 9.22 25.27
C TYR A 188 -7.21 9.35 24.11
N MET A 189 -7.39 10.35 23.27
CA MET A 189 -6.48 10.57 22.13
C MET A 189 -5.13 11.10 22.57
N ALA A 190 -4.07 10.59 21.96
CA ALA A 190 -2.76 11.20 22.14
C ALA A 190 -2.77 12.63 21.61
N PRO A 191 -1.96 13.51 22.23
CA PRO A 191 -1.85 14.90 21.79
C PRO A 191 -1.66 15.01 20.26
N GLU A 192 -0.77 14.18 19.69
CA GLU A 192 -0.52 14.27 18.27
C GLU A 192 -1.78 13.98 17.47
N VAL A 193 -2.65 13.09 17.96
CA VAL A 193 -3.88 12.80 17.24
C VAL A 193 -4.83 14.00 17.28
N ILE A 194 -5.08 14.52 18.48
CA ILE A 194 -6.08 15.56 18.64
C ILE A 194 -5.57 16.86 18.02
N MET A 195 -4.25 17.02 17.92
CA MET A 195 -3.68 18.21 17.29
C MET A 195 -3.59 18.09 15.77
N SER A 196 -4.26 17.08 15.18
CA SER A 196 -4.30 16.86 13.73
C SER A 196 -2.90 16.66 13.15
N GLN A 197 -2.02 15.98 13.86
CA GLN A 197 -0.69 15.72 13.33
C GLN A 197 -0.63 14.24 12.90
N HIS A 198 0.48 13.87 12.24
CA HIS A 198 0.76 12.47 11.98
C HIS A 198 1.03 11.73 13.29
N TYR A 199 0.74 10.43 13.30
CA TYR A 199 0.95 9.60 14.48
C TYR A 199 1.24 8.16 14.05
N ASP A 200 1.63 7.35 15.03
CA ASP A 200 1.96 5.96 14.82
C ASP A 200 1.36 5.15 15.98
N GLY A 201 1.92 3.96 16.16
CA GLY A 201 1.44 2.98 17.13
C GLY A 201 1.56 3.48 18.58
N LYS A 202 2.44 4.46 18.81
CA LYS A 202 2.59 4.98 20.17
C LYS A 202 1.40 5.80 20.61
N ALA A 203 0.51 6.21 19.71
CA ALA A 203 -0.72 6.91 20.09
C ALA A 203 -1.56 6.01 21.00
N ASP A 204 -1.63 4.71 20.69
CA ASP A 204 -2.39 3.77 21.50
C ASP A 204 -1.76 3.65 22.91
N LEU A 205 -0.44 3.82 23.03
CA LEU A 205 0.19 3.72 24.35
C LEU A 205 -0.22 4.89 25.24
N TRP A 206 -0.42 6.08 24.65
CA TRP A 206 -0.99 7.20 25.39
C TRP A 206 -2.39 6.86 25.90
N SER A 207 -3.23 6.29 25.03
CA SER A 207 -4.56 5.90 25.43
C SER A 207 -4.50 4.92 26.59
N ILE A 208 -3.61 3.94 26.52
CA ILE A 208 -3.48 2.97 27.61
C ILE A 208 -3.07 3.66 28.91
N GLY A 209 -2.08 4.56 28.82
CA GLY A 209 -1.71 5.33 30.01
C GLY A 209 -2.89 6.06 30.62
N THR A 210 -3.75 6.64 29.77
CA THR A 210 -4.90 7.37 30.24
CA THR A 210 -4.90 7.37 30.22
C THR A 210 -5.87 6.43 30.96
N ILE A 211 -6.07 5.23 30.41
CA ILE A 211 -6.95 4.25 31.02
C ILE A 211 -6.39 3.81 32.39
N VAL A 212 -5.09 3.53 32.44
CA VAL A 212 -4.44 3.14 33.68
C VAL A 212 -4.61 4.23 34.75
N TYR A 213 -4.35 5.49 34.35
CA TYR A 213 -4.45 6.63 35.25
C TYR A 213 -5.87 6.76 35.81
N GLN A 214 -6.86 6.62 34.92
CA GLN A 214 -8.26 6.65 35.29
C GLN A 214 -8.63 5.52 36.26
N CYS A 215 -8.09 4.32 36.08
CA CYS A 215 -8.32 3.25 37.02
C CYS A 215 -7.73 3.56 38.41
N LEU A 216 -6.57 4.19 38.42
CA LEU A 216 -5.84 4.51 39.65
C LEU A 216 -6.55 5.59 40.45
N THR A 217 -7.04 6.63 39.77
CA THR A 217 -7.44 7.86 40.40
C THR A 217 -8.94 8.09 40.29
N GLY A 218 -9.60 7.47 39.31
CA GLY A 218 -11.00 7.74 39.02
C GLY A 218 -11.20 8.97 38.17
N LYS A 219 -10.14 9.61 37.68
CA LYS A 219 -10.30 10.76 36.82
C LYS A 219 -9.33 10.70 35.64
N ALA A 220 -9.56 11.59 34.70
CA ALA A 220 -8.71 11.79 33.55
C ALA A 220 -7.46 12.54 33.99
N PRO A 221 -6.26 12.25 33.44
CA PRO A 221 -5.06 12.97 33.84
C PRO A 221 -5.09 14.43 33.41
N PHE A 222 -5.76 14.73 32.29
CA PHE A 222 -5.80 16.09 31.75
C PHE A 222 -7.26 16.45 31.47
N GLN A 223 -7.88 17.15 32.41
CA GLN A 223 -9.32 17.38 32.34
C GLN A 223 -9.54 18.60 31.48
N ALA A 224 -10.64 18.61 30.73
CA ALA A 224 -11.01 19.78 29.97
C ALA A 224 -12.53 19.84 29.84
N SER A 225 -13.05 21.01 29.47
CA SER A 225 -14.50 21.23 29.35
C SER A 225 -15.03 20.65 28.04
N SER A 226 -14.17 20.59 27.02
CA SER A 226 -14.54 20.14 25.70
C SER A 226 -13.31 19.60 24.99
N PRO A 227 -13.48 18.88 23.86
CA PRO A 227 -12.35 18.50 23.01
C PRO A 227 -11.49 19.68 22.60
N GLN A 228 -12.13 20.80 22.25
CA GLN A 228 -11.40 21.96 21.79
C GLN A 228 -10.49 22.48 22.92
N ASP A 229 -11.05 22.53 24.13
CA ASP A 229 -10.30 22.96 25.30
C ASP A 229 -9.09 22.04 25.53
N LEU A 230 -9.30 20.74 25.37
CA LEU A 230 -8.23 19.77 25.61
C LEU A 230 -7.11 19.96 24.59
N ARG A 231 -7.50 20.15 23.33
CA ARG A 231 -6.52 20.40 22.29
C ARG A 231 -5.70 21.66 22.59
N LEU A 232 -6.38 22.75 22.97
CA LEU A 232 -5.68 24.01 23.23
C LEU A 232 -4.71 23.84 24.41
N PHE A 233 -5.14 23.06 25.39
CA PHE A 233 -4.31 22.75 26.54
C PHE A 233 -3.03 22.04 26.11
N TYR A 234 -3.15 20.95 25.29
CA TYR A 234 -1.97 20.30 24.77
C TYR A 234 -1.11 21.23 23.92
N GLU A 235 -1.73 22.07 23.09
CA GLU A 235 -0.96 22.97 22.25
C GLU A 235 -0.07 23.91 23.07
N LYS A 236 -0.57 24.42 24.20
CA LYS A 236 0.16 25.45 24.91
C LYS A 236 1.08 24.90 25.99
N ASN A 237 0.97 23.62 26.32
CA ASN A 237 1.87 23.00 27.30
C ASN A 237 2.86 22.06 26.63
N LYS A 238 4.00 22.62 26.21
CA LYS A 238 5.02 21.82 25.53
C LYS A 238 5.69 20.90 26.54
N THR A 239 5.81 21.34 27.79
CA THR A 239 6.19 20.44 28.87
C THR A 239 4.93 20.11 29.68
N LEU A 240 4.58 18.84 29.72
CA LEU A 240 3.33 18.38 30.29
C LEU A 240 3.63 17.22 31.21
N VAL A 241 3.22 17.31 32.48
N VAL A 241 3.18 17.30 32.48
CA VAL A 241 3.50 16.24 33.43
CA VAL A 241 3.50 16.29 33.47
C VAL A 241 2.20 15.92 34.15
C VAL A 241 2.20 15.92 34.16
N PRO A 242 1.80 14.64 34.18
CA PRO A 242 0.57 14.26 34.86
C PRO A 242 0.78 14.40 36.38
N THR A 243 -0.29 14.81 37.05
CA THR A 243 -0.37 14.78 38.49
C THR A 243 -0.54 13.35 38.96
N ILE A 244 0.44 12.84 39.68
CA ILE A 244 0.38 11.46 40.15
C ILE A 244 0.33 11.49 41.68
N PRO A 245 -0.66 10.86 42.32
CA PRO A 245 -0.71 10.85 43.79
C PRO A 245 0.58 10.32 44.41
N ALA A 246 1.04 11.02 45.46
CA ALA A 246 2.25 10.65 46.15
C ALA A 246 2.27 9.20 46.59
N ALA A 247 1.11 8.65 46.92
CA ALA A 247 1.07 7.31 47.50
C ALA A 247 1.25 6.25 46.42
N THR A 248 1.22 6.65 45.13
CA THR A 248 1.44 5.69 44.05
C THR A 248 2.77 4.96 44.21
N SER A 249 2.78 3.66 43.92
CA SER A 249 4.04 2.91 43.94
C SER A 249 5.05 3.46 42.93
N ALA A 250 6.33 3.29 43.23
CA ALA A 250 7.38 3.84 42.38
C ALA A 250 7.29 3.29 40.95
N PRO A 251 7.16 1.95 40.74
CA PRO A 251 7.06 1.44 39.36
C PRO A 251 5.82 1.96 38.61
N LEU A 252 4.66 2.07 39.27
CA LEU A 252 3.48 2.57 38.57
C LEU A 252 3.63 4.05 38.22
N ARG A 253 4.24 4.83 39.13
CA ARG A 253 4.57 6.22 38.82
C ARG A 253 5.46 6.28 37.57
N GLN A 254 6.48 5.45 37.50
CA GLN A 254 7.40 5.47 36.38
C GLN A 254 6.67 5.13 35.07
N LEU A 255 5.80 4.12 35.12
CA LEU A 255 5.02 3.72 33.95
CA LEU A 255 5.02 3.73 33.95
C LEU A 255 4.16 4.88 33.46
N LEU A 256 3.43 5.53 34.37
CA LEU A 256 2.52 6.60 33.97
C LEU A 256 3.29 7.80 33.42
N LEU A 257 4.43 8.17 34.04
CA LEU A 257 5.22 9.27 33.55
C LEU A 257 5.72 9.00 32.13
N ALA A 258 6.10 7.75 31.86
CA ALA A 258 6.69 7.43 30.57
C ALA A 258 5.62 7.28 29.49
N LEU A 259 4.42 6.78 29.86
CA LEU A 259 3.34 6.67 28.88
C LEU A 259 2.73 8.00 28.57
N LEU A 260 2.53 8.84 29.60
CA LEU A 260 1.83 10.10 29.40
C LEU A 260 2.82 11.22 29.08
N GLN A 261 3.59 11.00 28.01
CA GLN A 261 4.51 11.95 27.45
C GLN A 261 3.91 12.53 26.18
N ARG A 262 3.83 13.84 26.14
CA ARG A 262 3.16 14.61 25.10
C ARG A 262 3.74 14.31 23.72
N ASN A 263 5.07 14.26 23.62
CA ASN A 263 5.76 14.12 22.34
C ASN A 263 6.02 12.65 22.04
N HIS A 264 5.46 12.18 20.94
CA HIS A 264 5.41 10.74 20.68
C HIS A 264 6.80 10.16 20.53
N LYS A 265 7.74 10.96 19.99
CA LYS A 265 9.07 10.41 19.77
C LYS A 265 9.72 10.06 21.11
N ASP A 266 9.40 10.81 22.16
CA ASP A 266 9.97 10.59 23.47
C ASP A 266 9.19 9.55 24.29
N ARG A 267 7.92 9.29 23.93
CA ARG A 267 7.05 8.43 24.74
C ARG A 267 7.65 7.04 24.85
N MET A 268 7.26 6.32 25.90
CA MET A 268 7.59 4.91 26.08
CA MET A 268 7.59 4.91 26.08
C MET A 268 7.31 4.15 24.78
N ASP A 269 8.22 3.29 24.37
CA ASP A 269 7.97 2.48 23.20
C ASP A 269 7.46 1.10 23.59
N PHE A 270 7.12 0.29 22.60
CA PHE A 270 6.41 -0.96 22.90
C PHE A 270 7.32 -1.89 23.69
N ASP A 271 8.60 -2.01 23.30
CA ASP A 271 9.46 -2.92 24.02
C ASP A 271 9.57 -2.54 25.51
N GLU A 272 9.70 -1.26 25.81
CA GLU A 272 9.75 -0.79 27.20
C GLU A 272 8.46 -1.11 27.93
N PHE A 273 7.32 -0.93 27.26
CA PHE A 273 6.03 -1.22 27.84
C PHE A 273 5.92 -2.69 28.18
N PHE A 274 6.22 -3.57 27.21
CA PHE A 274 6.01 -5.00 27.43
C PHE A 274 6.85 -5.53 28.58
N HIS A 275 8.00 -4.92 28.84
CA HIS A 275 8.97 -5.40 29.81
C HIS A 275 9.01 -4.49 31.04
N HIS A 276 8.02 -3.61 31.22
CA HIS A 276 8.10 -2.60 32.24
C HIS A 276 8.05 -3.28 33.61
N PRO A 277 8.90 -2.84 34.58
CA PRO A 277 8.86 -3.41 35.94
C PRO A 277 7.50 -3.44 36.63
N PHE A 278 6.61 -2.49 36.34
CA PHE A 278 5.28 -2.51 36.93
C PHE A 278 4.58 -3.82 36.62
N LEU A 279 4.81 -4.38 35.44
CA LEU A 279 4.07 -5.57 35.05
C LEU A 279 4.67 -6.84 35.65
N ASP A 280 5.86 -6.81 36.27
CA ASP A 280 6.35 -8.02 36.92
C ASP A 280 5.57 -8.22 38.21
N ALA A 281 5.45 -7.10 38.97
CA ALA A 281 5.46 -7.06 40.43
C ALA A 281 4.21 -7.72 41.02
N THR B 9 39.65 10.10 -7.80
CA THR B 9 38.95 10.24 -6.49
C THR B 9 37.59 10.90 -6.64
N GLU B 10 36.53 10.20 -6.23
CA GLU B 10 35.17 10.74 -6.26
C GLU B 10 34.68 10.96 -4.84
N THR B 11 33.79 11.94 -4.65
CA THR B 11 33.32 12.25 -3.32
C THR B 11 31.80 12.08 -3.28
N VAL B 12 31.32 11.64 -2.13
CA VAL B 12 29.92 11.50 -1.83
C VAL B 12 29.78 12.04 -0.43
N GLY B 13 29.19 13.24 -0.29
CA GLY B 13 29.09 13.83 1.03
C GLY B 13 30.46 14.00 1.67
N LYS B 14 30.55 13.60 2.94
CA LYS B 14 31.78 13.61 3.72
C LYS B 14 32.73 12.43 3.41
N PHE B 15 32.51 11.68 2.33
CA PHE B 15 33.25 10.45 2.06
C PHE B 15 33.86 10.49 0.68
N GLU B 16 34.87 9.65 0.45
CA GLU B 16 35.48 9.54 -0.85
C GLU B 16 35.96 8.14 -1.17
N PHE B 17 36.14 7.89 -2.45
CA PHE B 17 36.59 6.61 -2.94
C PHE B 17 37.26 6.77 -4.30
N SER B 18 38.10 5.81 -4.64
CA SER B 18 38.63 5.66 -5.98
C SER B 18 38.10 4.40 -6.63
N ARG B 19 37.76 4.49 -7.92
CA ARG B 19 37.30 3.33 -8.66
C ARG B 19 38.42 2.34 -8.95
N LYS B 20 39.65 2.66 -8.55
CA LYS B 20 40.71 1.67 -8.61
C LYS B 20 40.49 0.61 -7.52
N ASP B 21 39.72 0.93 -6.46
CA ASP B 21 39.67 0.06 -5.28
C ASP B 21 38.39 -0.77 -5.27
N LEU B 22 38.17 -1.49 -6.36
CA LEU B 22 37.02 -2.36 -6.52
C LEU B 22 37.12 -3.50 -5.50
N ILE B 23 36.09 -3.71 -4.67
CA ILE B 23 36.10 -4.80 -3.71
C ILE B 23 34.96 -5.78 -3.95
N GLY B 24 34.04 -5.52 -4.89
CA GLY B 24 32.94 -6.41 -5.17
C GLY B 24 32.21 -5.98 -6.43
N HIS B 25 31.67 -6.95 -7.18
CA HIS B 25 30.86 -6.65 -8.34
C HIS B 25 29.83 -7.75 -8.50
N GLY B 26 28.65 -7.35 -8.96
CA GLY B 26 27.59 -8.27 -9.33
C GLY B 26 26.88 -7.63 -10.50
N ALA B 27 25.85 -8.30 -11.00
CA ALA B 27 25.11 -7.78 -12.12
C ALA B 27 24.47 -6.43 -11.80
N PHE B 28 24.11 -6.19 -10.52
CA PHE B 28 23.33 -5.01 -10.19
C PHE B 28 24.03 -4.01 -9.27
N ALA B 29 25.31 -4.21 -8.98
CA ALA B 29 26.04 -3.28 -8.13
C ALA B 29 27.54 -3.50 -8.24
N VAL B 30 28.30 -2.42 -8.01
CA VAL B 30 29.74 -2.47 -7.82
CA VAL B 30 29.73 -2.47 -7.81
C VAL B 30 30.03 -1.79 -6.49
N VAL B 31 31.01 -2.30 -5.77
CA VAL B 31 31.39 -1.76 -4.49
C VAL B 31 32.88 -1.42 -4.52
N PHE B 32 33.19 -0.23 -4.01
CA PHE B 32 34.56 0.26 -3.89
C PHE B 32 34.87 0.55 -2.45
N LYS B 33 36.14 0.31 -2.08
CA LYS B 33 36.57 0.75 -0.78
C LYS B 33 36.70 2.28 -0.76
N GLY B 34 36.36 2.92 0.35
CA GLY B 34 36.54 4.36 0.51
C GLY B 34 36.85 4.72 1.95
N ARG B 35 36.73 6.01 2.26
CA ARG B 35 37.05 6.52 3.57
C ARG B 35 36.35 7.85 3.78
N HIS B 36 36.26 8.23 5.03
CA HIS B 36 35.84 9.57 5.42
C HIS B 36 36.90 10.59 4.93
N ARG B 37 36.44 11.70 4.37
CA ARG B 37 37.31 12.72 3.82
C ARG B 37 38.13 13.43 4.89
N GLU B 38 37.61 13.52 6.10
CA GLU B 38 38.31 14.18 7.21
C GLU B 38 39.10 13.14 8.02
N LYS B 39 38.45 12.02 8.37
CA LYS B 39 39.09 11.02 9.22
C LYS B 39 39.46 9.81 8.36
N HIS B 40 40.66 9.84 7.79
CA HIS B 40 41.05 8.88 6.76
C HIS B 40 41.03 7.44 7.26
N ASP B 41 41.12 7.27 8.58
CA ASP B 41 41.15 5.97 9.22
C ASP B 41 39.73 5.37 9.30
N LEU B 42 38.67 6.17 9.10
CA LEU B 42 37.31 5.61 9.04
C LEU B 42 37.06 5.03 7.65
N GLU B 43 37.02 3.70 7.57
CA GLU B 43 36.89 2.99 6.30
C GLU B 43 35.38 2.82 6.01
N VAL B 44 35.02 2.82 4.73
CA VAL B 44 33.65 2.61 4.30
C VAL B 44 33.71 1.82 3.01
N ALA B 45 32.54 1.38 2.54
CA ALA B 45 32.40 0.72 1.26
C ALA B 45 31.31 1.46 0.49
N VAL B 46 31.59 1.87 -0.74
CA VAL B 46 30.64 2.68 -1.47
C VAL B 46 30.05 1.83 -2.58
N LYS B 47 28.74 1.64 -2.53
CA LYS B 47 28.05 0.84 -3.50
C LYS B 47 27.42 1.73 -4.59
N CYS B 48 27.65 1.37 -5.85
CA CYS B 48 27.37 2.15 -7.05
C CYS B 48 26.64 1.29 -8.08
N ILE B 49 26.05 1.96 -9.06
CA ILE B 49 25.38 1.32 -10.15
C ILE B 49 26.37 0.49 -10.95
N ASN B 50 25.90 -0.65 -11.41
CA ASN B 50 26.55 -1.36 -12.50
C ASN B 50 25.90 -0.97 -13.81
N LYS B 51 26.64 -0.24 -14.64
CA LYS B 51 26.11 0.37 -15.86
C LYS B 51 25.74 -0.70 -16.90
N LYS B 52 26.28 -1.92 -16.78
CA LYS B 52 25.87 -3.00 -17.66
C LYS B 52 24.42 -3.42 -17.44
N ASN B 53 23.82 -3.03 -16.30
CA ASN B 53 22.41 -3.29 -16.05
C ASN B 53 21.83 -2.06 -15.39
N LEU B 54 21.87 -0.93 -16.12
CA LEU B 54 21.71 0.38 -15.52
C LEU B 54 20.37 0.50 -14.81
N ALA B 55 19.27 0.19 -15.52
CA ALA B 55 17.96 0.49 -14.98
C ALA B 55 17.70 -0.39 -13.75
N LYS B 56 18.02 -1.68 -13.84
CA LYS B 56 17.68 -2.57 -12.75
C LYS B 56 18.58 -2.27 -11.54
N SER B 57 19.85 -1.97 -11.84
CA SER B 57 20.81 -1.58 -10.81
C SER B 57 20.33 -0.34 -10.07
N GLN B 58 19.90 0.66 -10.83
CA GLN B 58 19.39 1.86 -10.22
C GLN B 58 18.19 1.58 -9.32
N THR B 59 17.27 0.75 -9.78
CA THR B 59 16.08 0.42 -8.99
C THR B 59 16.47 -0.30 -7.69
N LEU B 60 17.37 -1.28 -7.78
CA LEU B 60 17.71 -2.11 -6.61
C LEU B 60 18.50 -1.31 -5.57
N LEU B 61 19.40 -0.42 -6.00
CA LEU B 61 20.10 0.43 -5.05
CA LEU B 61 20.12 0.44 -5.06
C LEU B 61 19.13 1.39 -4.38
N GLY B 62 18.14 1.90 -5.15
CA GLY B 62 17.14 2.75 -4.52
C GLY B 62 16.32 1.99 -3.46
N LYS B 63 15.99 0.73 -3.73
CA LYS B 63 15.23 -0.08 -2.78
C LYS B 63 16.07 -0.33 -1.53
N GLU B 64 17.38 -0.58 -1.73
CA GLU B 64 18.24 -0.83 -0.60
C GLU B 64 18.31 0.39 0.30
N ILE B 65 18.40 1.60 -0.27
CA ILE B 65 18.35 2.80 0.55
C ILE B 65 17.06 2.86 1.36
N LYS B 66 15.93 2.67 0.68
CA LYS B 66 14.63 2.78 1.33
C LYS B 66 14.51 1.86 2.55
N ILE B 67 15.04 0.64 2.42
CA ILE B 67 14.97 -0.32 3.51
C ILE B 67 16.00 -0.01 4.60
N LEU B 68 17.29 0.15 4.21
CA LEU B 68 18.35 0.31 5.20
C LEU B 68 18.28 1.61 5.96
N LYS B 69 17.70 2.67 5.37
CA LYS B 69 17.56 3.87 6.17
C LYS B 69 16.62 3.63 7.33
N GLU B 70 15.82 2.56 7.34
CA GLU B 70 14.93 2.28 8.47
C GLU B 70 15.46 1.20 9.45
N LEU B 71 16.63 0.60 9.22
CA LEU B 71 17.13 -0.53 10.00
C LEU B 71 18.47 -0.14 10.61
N LYS B 72 18.56 -0.02 11.93
CA LYS B 72 19.84 0.20 12.58
C LYS B 72 20.03 -0.94 13.58
N HIS B 73 21.02 -1.79 13.33
CA HIS B 73 21.27 -2.92 14.19
C HIS B 73 22.72 -3.32 14.00
N GLU B 74 23.35 -3.78 15.10
CA GLU B 74 24.75 -4.17 15.05
C GLU B 74 24.99 -5.33 14.08
N ASN B 75 23.98 -6.14 13.75
CA ASN B 75 24.16 -7.28 12.89
C ASN B 75 23.51 -7.05 11.50
N ILE B 76 23.29 -5.79 11.13
CA ILE B 76 22.86 -5.40 9.80
C ILE B 76 23.81 -4.33 9.29
N VAL B 77 24.31 -4.51 8.08
CA VAL B 77 25.23 -3.56 7.48
C VAL B 77 24.66 -2.14 7.58
N ALA B 78 25.47 -1.20 8.08
CA ALA B 78 25.04 0.16 8.30
C ALA B 78 25.12 0.95 6.98
N LEU B 79 24.16 1.87 6.85
CA LEU B 79 24.11 2.86 5.80
C LEU B 79 24.44 4.23 6.41
N TYR B 80 25.65 4.74 6.19
CA TYR B 80 26.07 5.98 6.80
C TYR B 80 25.47 7.18 6.07
N ASP B 81 25.41 7.10 4.74
CA ASP B 81 24.83 8.16 3.92
C ASP B 81 24.56 7.54 2.56
N PHE B 82 23.96 8.36 1.70
CA PHE B 82 23.59 7.93 0.38
C PHE B 82 23.37 9.18 -0.48
N GLN B 83 23.38 8.97 -1.79
CA GLN B 83 23.15 10.08 -2.71
C GLN B 83 22.42 9.56 -3.92
N GLU B 84 21.13 9.94 -4.01
CA GLU B 84 20.29 9.53 -5.10
C GLU B 84 19.98 10.73 -6.03
N MET B 85 20.21 10.55 -7.33
CA MET B 85 19.97 11.56 -8.37
C MET B 85 19.25 10.89 -9.50
N ALA B 86 18.89 11.65 -10.55
CA ALA B 86 18.16 11.07 -11.66
C ALA B 86 18.97 9.97 -12.34
N ASN B 87 20.29 10.14 -12.50
CA ASN B 87 21.06 9.25 -13.33
C ASN B 87 22.14 8.53 -12.54
N SER B 88 22.19 8.66 -11.22
CA SER B 88 23.22 7.98 -10.42
C SER B 88 22.69 7.75 -9.02
N VAL B 89 23.19 6.70 -8.37
CA VAL B 89 22.87 6.41 -6.99
CA VAL B 89 22.87 6.42 -6.98
C VAL B 89 24.11 5.81 -6.31
N TYR B 90 24.42 6.31 -5.14
CA TYR B 90 25.52 5.82 -4.30
C TYR B 90 25.02 5.55 -2.90
N LEU B 91 25.52 4.43 -2.30
CA LEU B 91 25.31 4.17 -0.90
C LEU B 91 26.67 4.14 -0.21
N VAL B 92 26.81 4.89 0.87
CA VAL B 92 28.00 4.84 1.69
C VAL B 92 27.72 3.96 2.89
N MET B 93 28.38 2.78 2.87
CA MET B 93 28.01 1.69 3.75
C MET B 93 29.21 1.28 4.63
N GLU B 94 28.86 0.57 5.68
CA GLU B 94 29.81 -0.05 6.58
C GLU B 94 30.73 -0.97 5.77
N TYR B 95 32.05 -0.84 6.03
CA TYR B 95 33.05 -1.76 5.53
C TYR B 95 33.23 -2.89 6.56
N CYS B 96 32.91 -4.10 6.13
CA CYS B 96 32.95 -5.26 7.02
C CYS B 96 34.32 -5.93 6.82
N ASN B 97 35.19 -5.75 7.81
CA ASN B 97 36.60 -6.00 7.61
C ASN B 97 36.98 -7.48 7.67
N GLY B 98 36.04 -8.36 7.93
CA GLY B 98 36.26 -9.81 8.00
C GLY B 98 35.84 -10.58 6.76
N GLY B 99 35.35 -9.92 5.69
CA GLY B 99 35.02 -10.68 4.49
C GLY B 99 33.65 -11.38 4.64
N ASP B 100 33.37 -12.34 3.80
CA ASP B 100 32.06 -12.98 3.79
C ASP B 100 32.13 -14.40 4.38
N LEU B 101 30.94 -14.89 4.72
CA LEU B 101 30.82 -16.24 5.25
C LEU B 101 31.22 -17.25 4.19
N ALA B 102 30.98 -16.97 2.92
CA ALA B 102 31.30 -17.93 1.88
C ALA B 102 32.79 -18.27 1.89
N ASP B 103 33.63 -17.24 1.95
CA ASP B 103 35.08 -17.44 1.88
C ASP B 103 35.58 -18.11 3.15
N TYR B 104 34.95 -17.76 4.28
CA TYR B 104 35.30 -18.35 5.57
C TYR B 104 34.96 -19.83 5.55
N LEU B 105 33.78 -20.19 5.07
CA LEU B 105 33.39 -21.60 4.98
CA LEU B 105 33.39 -21.60 4.97
C LEU B 105 34.29 -22.38 4.03
N HIS B 106 34.67 -21.77 2.91
CA HIS B 106 35.54 -22.42 1.96
C HIS B 106 36.86 -22.82 2.65
N ALA B 107 37.40 -21.91 3.45
CA ALA B 107 38.67 -22.13 4.13
C ALA B 107 38.50 -23.15 5.24
N MET B 108 37.42 -23.06 6.01
CA MET B 108 37.27 -23.95 7.15
C MET B 108 36.73 -25.34 6.74
N ARG B 109 35.98 -25.41 5.65
CA ARG B 109 35.22 -26.55 5.15
C ARG B 109 33.92 -26.72 5.90
N THR B 110 33.99 -26.88 7.21
CA THR B 110 32.82 -26.93 8.06
C THR B 110 33.12 -26.12 9.30
N LEU B 111 32.08 -25.67 9.99
CA LEU B 111 32.22 -24.92 11.22
C LEU B 111 31.77 -25.79 12.37
N SER B 112 32.38 -25.52 13.53
CA SER B 112 31.95 -26.15 14.79
C SER B 112 30.52 -25.74 15.14
N GLU B 113 29.85 -26.55 15.96
CA GLU B 113 28.53 -26.19 16.45
C GLU B 113 28.59 -24.91 17.27
N ASP B 114 29.67 -24.69 18.00
CA ASP B 114 29.77 -23.50 18.82
C ASP B 114 29.89 -22.26 17.92
N THR B 115 30.65 -22.34 16.82
CA THR B 115 30.77 -21.21 15.90
C THR B 115 29.42 -20.97 15.23
N ILE B 116 28.77 -22.04 14.80
CA ILE B 116 27.44 -21.94 14.20
C ILE B 116 26.49 -21.25 15.15
N ARG B 117 26.53 -21.63 16.43
CA ARG B 117 25.64 -21.02 17.40
C ARG B 117 25.90 -19.52 17.53
N LEU B 118 27.18 -19.13 17.59
CA LEU B 118 27.54 -17.72 17.73
C LEU B 118 26.99 -16.94 16.55
N PHE B 119 27.22 -17.46 15.33
CA PHE B 119 26.78 -16.74 14.13
C PHE B 119 25.25 -16.72 14.07
N LEU B 120 24.59 -17.84 14.41
CA LEU B 120 23.15 -17.89 14.29
C LEU B 120 22.46 -17.04 15.36
N GLN B 121 23.04 -16.91 16.56
CA GLN B 121 22.47 -16.01 17.55
C GLN B 121 22.40 -14.58 17.02
N GLN B 122 23.44 -14.20 16.29
CA GLN B 122 23.55 -12.84 15.75
CA GLN B 122 23.55 -12.84 15.75
C GLN B 122 22.60 -12.65 14.57
N ILE B 123 22.55 -13.64 13.67
CA ILE B 123 21.58 -13.62 12.58
C ILE B 123 20.17 -13.53 13.14
N ALA B 124 19.86 -14.31 14.18
CA ALA B 124 18.53 -14.27 14.79
C ALA B 124 18.20 -12.89 15.34
N GLY B 125 19.18 -12.19 15.97
CA GLY B 125 18.94 -10.85 16.46
C GLY B 125 18.55 -9.89 15.31
N ALA B 126 19.28 -9.97 14.20
CA ALA B 126 18.96 -9.14 13.04
C ALA B 126 17.55 -9.48 12.56
N MET B 127 17.26 -10.77 12.45
CA MET B 127 15.96 -11.22 11.95
C MET B 127 14.82 -10.79 12.85
N ARG B 128 15.05 -10.68 14.16
CA ARG B 128 14.03 -10.20 15.05
C ARG B 128 13.63 -8.77 14.69
N LEU B 129 14.61 -7.93 14.35
CA LEU B 129 14.31 -6.59 13.91
C LEU B 129 13.56 -6.57 12.56
N LEU B 130 14.06 -7.32 11.55
CA LEU B 130 13.35 -7.37 10.27
C LEU B 130 11.90 -7.77 10.49
N HIS B 131 11.70 -8.85 11.26
CA HIS B 131 10.35 -9.35 11.49
C HIS B 131 9.48 -8.33 12.22
N SER B 132 10.02 -7.63 13.22
CA SER B 132 9.22 -6.63 13.93
C SER B 132 8.88 -5.46 13.03
N LYS B 133 9.73 -5.17 12.05
CA LYS B 133 9.49 -4.07 11.11
C LYS B 133 8.64 -4.49 9.92
N GLY B 134 8.39 -5.80 9.76
CA GLY B 134 7.59 -6.28 8.66
C GLY B 134 8.37 -6.34 7.32
N ILE B 135 9.70 -6.57 7.41
CA ILE B 135 10.56 -6.63 6.25
C ILE B 135 11.04 -8.05 6.03
N ILE B 136 11.06 -8.49 4.75
CA ILE B 136 11.67 -9.75 4.38
C ILE B 136 12.85 -9.46 3.45
N HIS B 137 13.92 -10.25 3.58
CA HIS B 137 15.20 -9.95 2.95
C HIS B 137 15.28 -10.46 1.50
N ARG B 138 14.99 -11.75 1.34
CA ARG B 138 14.81 -12.48 0.09
C ARG B 138 16.11 -12.83 -0.63
N ASP B 139 17.30 -12.52 -0.07
CA ASP B 139 18.53 -12.92 -0.78
C ASP B 139 19.59 -13.41 0.22
N LEU B 140 19.15 -14.16 1.23
CA LEU B 140 20.08 -14.61 2.23
C LEU B 140 20.89 -15.79 1.63
N LYS B 141 22.20 -15.68 1.75
CA LYS B 141 23.14 -16.68 1.24
C LYS B 141 24.50 -16.33 1.85
N PRO B 142 25.51 -17.23 1.85
CA PRO B 142 26.75 -16.93 2.54
C PRO B 142 27.51 -15.72 2.03
N GLN B 143 27.36 -15.36 0.75
CA GLN B 143 28.02 -14.19 0.19
C GLN B 143 27.42 -12.92 0.77
N ASN B 144 26.21 -12.99 1.34
CA ASN B 144 25.51 -11.82 1.87
C ASN B 144 25.49 -11.81 3.39
N ILE B 145 26.28 -12.72 4.01
CA ILE B 145 26.54 -12.68 5.43
C ILE B 145 27.98 -12.23 5.57
N LEU B 146 28.20 -11.00 6.05
CA LEU B 146 29.57 -10.49 6.15
C LEU B 146 30.02 -10.58 7.60
N LEU B 147 31.33 -10.43 7.80
CA LEU B 147 31.94 -10.56 9.12
CA LEU B 147 31.92 -10.55 9.12
C LEU B 147 32.73 -9.29 9.40
N SER B 148 32.77 -8.90 10.66
CA SER B 148 33.47 -7.69 11.08
CA SER B 148 33.50 -7.71 11.06
C SER B 148 34.08 -7.89 12.46
N ASN B 149 35.34 -7.51 12.62
CA ASN B 149 36.00 -7.45 13.92
C ASN B 149 35.95 -6.01 14.41
N PRO B 150 35.17 -5.65 15.44
CA PRO B 150 34.97 -4.24 15.77
C PRO B 150 36.27 -3.60 16.29
N ALA B 151 36.45 -2.31 16.04
CA ALA B 151 37.63 -1.59 16.52
C ALA B 151 37.59 -1.52 18.05
N GLY B 152 38.67 -1.02 18.65
CA GLY B 152 38.69 -0.75 20.09
C GLY B 152 39.25 -1.93 20.87
N ARG B 153 39.01 -1.91 22.19
CA ARG B 153 39.69 -2.78 23.13
C ARG B 153 39.34 -4.27 22.91
N ARG B 154 38.08 -4.57 22.56
CA ARG B 154 37.60 -5.94 22.34
C ARG B 154 37.91 -6.82 23.56
N ALA B 155 37.47 -6.30 24.72
CA ALA B 155 37.56 -7.02 25.98
C ALA B 155 36.47 -8.08 26.07
N ASN B 156 35.52 -8.10 25.13
CA ASN B 156 34.37 -8.98 25.25
C ASN B 156 34.65 -10.31 24.54
N PRO B 157 34.10 -11.43 25.05
CA PRO B 157 34.31 -12.75 24.43
C PRO B 157 33.65 -12.86 23.05
N ASN B 158 34.24 -13.68 22.17
CA ASN B 158 33.74 -13.88 20.83
C ASN B 158 33.25 -12.55 20.25
N SER B 159 34.19 -11.61 20.06
CA SER B 159 33.85 -10.26 19.63
C SER B 159 33.52 -10.15 18.13
N ILE B 160 33.84 -11.15 17.29
CA ILE B 160 33.48 -11.14 15.87
C ILE B 160 31.97 -10.98 15.70
N ARG B 161 31.59 -10.16 14.70
CA ARG B 161 30.19 -9.81 14.48
C ARG B 161 29.78 -10.17 13.03
N VAL B 162 28.61 -10.80 12.88
CA VAL B 162 28.04 -11.02 11.57
CA VAL B 162 28.03 -11.02 11.57
C VAL B 162 27.26 -9.77 11.17
N LYS B 163 27.24 -9.46 9.88
CA LYS B 163 26.40 -8.38 9.36
C LYS B 163 25.63 -8.92 8.17
N ILE B 164 24.28 -8.96 8.25
CA ILE B 164 23.49 -9.26 7.08
C ILE B 164 23.62 -8.08 6.13
N ALA B 165 23.86 -8.40 4.87
CA ALA B 165 24.03 -7.39 3.84
C ALA B 165 23.14 -7.66 2.62
N ASP B 166 23.21 -6.72 1.65
N ASP B 166 23.21 -6.73 1.65
CA ASP B 166 22.54 -6.79 0.34
CA ASP B 166 22.54 -6.77 0.35
C ASP B 166 21.02 -6.85 0.48
C ASP B 166 21.02 -6.85 0.48
N PHE B 167 20.43 -5.67 0.71
CA PHE B 167 19.00 -5.53 0.92
C PHE B 167 18.29 -5.03 -0.32
N GLY B 168 18.88 -5.19 -1.49
CA GLY B 168 18.29 -4.71 -2.74
C GLY B 168 17.01 -5.45 -3.14
N PHE B 169 16.82 -6.71 -2.69
CA PHE B 169 15.62 -7.46 -2.98
CA PHE B 169 15.61 -7.44 -2.98
C PHE B 169 14.61 -7.41 -1.83
N ALA B 170 14.95 -6.75 -0.73
CA ALA B 170 14.10 -6.74 0.43
C ALA B 170 12.83 -5.92 0.19
N ARG B 171 11.77 -6.29 0.90
CA ARG B 171 10.52 -5.54 0.83
C ARG B 171 9.77 -5.59 2.15
N TYR B 172 8.90 -4.57 2.34
CA TYR B 172 7.88 -4.65 3.35
C TYR B 172 6.81 -5.64 2.88
N LEU B 173 6.39 -6.48 3.80
CA LEU B 173 5.26 -7.38 3.57
C LEU B 173 4.33 -7.27 4.75
N GLN B 174 3.14 -6.76 4.48
CA GLN B 174 2.11 -6.68 5.51
C GLN B 174 1.79 -8.07 6.03
N SER B 175 1.49 -8.15 7.35
CA SER B 175 1.45 -9.42 8.05
C SER B 175 0.34 -10.33 7.51
N ASN B 176 -0.70 -9.79 6.89
CA ASN B 176 -1.75 -10.66 6.37
C ASN B 176 -1.63 -10.87 4.85
N MET B 177 -0.48 -10.51 4.27
CA MET B 177 -0.31 -10.58 2.83
CA MET B 177 -0.31 -10.58 2.83
C MET B 177 0.80 -11.58 2.52
N MET B 178 0.91 -11.93 1.22
CA MET B 178 1.95 -12.80 0.73
CA MET B 178 1.96 -12.80 0.73
C MET B 178 2.66 -12.11 -0.43
N ALA B 179 3.94 -12.43 -0.61
CA ALA B 179 4.74 -11.92 -1.71
C ALA B 179 4.75 -12.98 -2.82
N ALA B 180 5.05 -12.56 -4.03
CA ALA B 180 5.13 -13.50 -5.15
C ALA B 180 6.24 -13.17 -6.13
N TPO B 181 7.11 -12.17 -5.87
CA TPO B 181 8.16 -11.86 -6.81
CB TPO B 181 8.81 -10.51 -6.51
CG2 TPO B 181 9.94 -10.17 -7.45
OG1 TPO B 181 7.74 -9.50 -6.64
P TPO B 181 7.33 -8.63 -5.29
O1P TPO B 181 7.08 -9.56 -4.17
O2P TPO B 181 8.51 -7.71 -5.14
O3P TPO B 181 6.03 -7.94 -5.77
C TPO B 181 9.24 -12.92 -6.79
O TPO B 181 9.69 -13.34 -5.72
H TPO B 181 7.04 -11.70 -5.10
HA TPO B 181 7.77 -11.82 -7.71
HB TPO B 181 9.14 -10.51 -5.58
HG21 TPO B 181 9.83 -10.67 -8.28
HG22 TPO B 181 10.78 -10.41 -7.03
HG23 TPO B 181 9.93 -9.22 -7.65
N LEU B 182 9.60 -13.43 -7.96
CA LEU B 182 10.63 -14.47 -8.04
C LEU B 182 11.98 -13.75 -8.02
N CYS B 183 12.67 -13.84 -6.90
CA CYS B 183 13.98 -13.23 -6.75
C CYS B 183 14.72 -14.04 -5.68
N GLY B 184 16.04 -13.86 -5.61
CA GLY B 184 16.85 -14.60 -4.68
C GLY B 184 17.88 -15.47 -5.43
N SER B 185 18.63 -16.24 -4.66
CA SER B 185 19.61 -17.16 -5.22
CA SER B 185 19.62 -17.15 -5.20
C SER B 185 19.04 -18.56 -5.20
N PRO B 186 18.87 -19.24 -6.37
CA PRO B 186 18.14 -20.52 -6.40
C PRO B 186 18.50 -21.58 -5.39
N MET B 187 19.79 -21.73 -5.07
CA MET B 187 20.18 -22.80 -4.15
C MET B 187 19.72 -22.48 -2.73
N TYR B 188 19.37 -21.22 -2.43
CA TYR B 188 18.95 -20.83 -1.09
C TYR B 188 17.47 -20.46 -1.04
N MET B 189 16.77 -20.55 -2.17
CA MET B 189 15.34 -20.19 -2.21
C MET B 189 14.49 -21.27 -1.56
N ALA B 190 13.47 -20.86 -0.80
CA ALA B 190 12.49 -21.81 -0.30
C ALA B 190 11.74 -22.44 -1.47
N PRO B 191 11.28 -23.69 -1.30
CA PRO B 191 10.52 -24.38 -2.35
C PRO B 191 9.39 -23.52 -2.92
N GLU B 192 8.64 -22.86 -2.05
CA GLU B 192 7.51 -22.06 -2.51
C GLU B 192 7.98 -20.92 -3.39
N VAL B 193 9.19 -20.38 -3.15
CA VAL B 193 9.67 -19.29 -3.98
C VAL B 193 10.06 -19.84 -5.35
N ILE B 194 10.88 -20.90 -5.39
CA ILE B 194 11.40 -21.36 -6.67
C ILE B 194 10.29 -22.03 -7.48
N MET B 195 9.22 -22.50 -6.82
CA MET B 195 8.07 -23.04 -7.54
C MET B 195 7.09 -21.95 -7.99
N SER B 196 7.46 -20.66 -7.93
CA SER B 196 6.64 -19.55 -8.34
C SER B 196 5.32 -19.47 -7.58
N GLN B 197 5.29 -19.85 -6.32
CA GLN B 197 4.10 -19.75 -5.50
C GLN B 197 4.19 -18.51 -4.58
N HIS B 198 3.12 -18.20 -3.86
CA HIS B 198 3.15 -17.13 -2.89
C HIS B 198 4.01 -17.56 -1.69
N TYR B 199 4.62 -16.58 -1.01
CA TYR B 199 5.44 -16.88 0.16
C TYR B 199 5.38 -15.69 1.16
N ASP B 200 5.97 -15.89 2.33
CA ASP B 200 5.99 -14.89 3.38
C ASP B 200 7.37 -14.90 4.03
N GLY B 201 7.41 -14.44 5.29
CA GLY B 201 8.69 -14.29 5.97
C GLY B 201 9.37 -15.62 6.26
N LYS B 202 8.62 -16.73 6.20
CA LYS B 202 9.20 -18.02 6.48
C LYS B 202 10.11 -18.48 5.36
N ALA B 203 10.03 -17.86 4.17
CA ALA B 203 10.97 -18.21 3.10
C ALA B 203 12.40 -17.92 3.56
N ASP B 204 12.62 -16.78 4.22
CA ASP B 204 13.95 -16.44 4.71
C ASP B 204 14.43 -17.46 5.74
N LEU B 205 13.53 -18.06 6.51
CA LEU B 205 13.95 -19.05 7.49
C LEU B 205 14.48 -20.32 6.82
N TRP B 206 13.90 -20.72 5.68
CA TRP B 206 14.43 -21.78 4.84
C TRP B 206 15.85 -21.45 4.41
N SER B 207 16.06 -20.22 3.89
CA SER B 207 17.40 -19.82 3.49
C SER B 207 18.38 -19.97 4.64
N ILE B 208 17.99 -19.51 5.84
CA ILE B 208 18.85 -19.62 7.00
C ILE B 208 19.14 -21.07 7.35
N GLY B 209 18.11 -21.93 7.34
CA GLY B 209 18.35 -23.35 7.48
C GLY B 209 19.37 -23.91 6.52
N THR B 210 19.29 -23.50 5.27
CA THR B 210 20.19 -23.98 4.24
CA THR B 210 20.19 -23.97 4.22
C THR B 210 21.62 -23.55 4.57
N ILE B 211 21.77 -22.29 4.99
CA ILE B 211 23.08 -21.77 5.36
C ILE B 211 23.64 -22.55 6.56
N VAL B 212 22.81 -22.76 7.57
CA VAL B 212 23.26 -23.49 8.77
C VAL B 212 23.69 -24.92 8.41
N TYR B 213 22.92 -25.60 7.59
CA TYR B 213 23.23 -26.94 7.12
C TYR B 213 24.56 -26.99 6.39
N GLN B 214 24.77 -26.00 5.51
CA GLN B 214 26.00 -25.86 4.75
C GLN B 214 27.19 -25.62 5.68
N CYS B 215 27.02 -24.83 6.75
CA CYS B 215 28.08 -24.60 7.71
C CYS B 215 28.43 -25.91 8.45
N LEU B 216 27.41 -26.68 8.79
CA LEU B 216 27.59 -27.92 9.57
C LEU B 216 28.29 -28.99 8.75
N THR B 217 27.91 -29.12 7.47
CA THR B 217 28.26 -30.29 6.67
C THR B 217 29.21 -29.95 5.55
N GLY B 218 29.27 -28.67 5.14
CA GLY B 218 30.04 -28.27 3.98
C GLY B 218 29.33 -28.51 2.66
N LYS B 219 28.08 -28.97 2.68
CA LYS B 219 27.33 -29.15 1.46
C LYS B 219 25.92 -28.62 1.60
N ALA B 220 25.26 -28.56 0.45
CA ALA B 220 23.86 -28.22 0.31
C ALA B 220 23.02 -29.37 0.81
N PRO B 221 21.89 -29.12 1.49
CA PRO B 221 21.03 -30.20 1.96
C PRO B 221 20.36 -30.95 0.80
N PHE B 222 20.10 -30.24 -0.31
CA PHE B 222 19.46 -30.83 -1.48
C PHE B 222 20.28 -30.43 -2.69
N GLN B 223 21.11 -31.36 -3.18
CA GLN B 223 22.05 -31.06 -4.23
C GLN B 223 21.31 -31.20 -5.56
N ALA B 224 21.70 -30.36 -6.51
CA ALA B 224 21.11 -30.39 -7.84
C ALA B 224 22.14 -29.81 -8.80
N SER B 225 22.01 -30.18 -10.07
CA SER B 225 22.96 -29.78 -11.11
C SER B 225 22.69 -28.37 -11.60
N SER B 226 21.44 -27.91 -11.44
CA SER B 226 21.02 -26.60 -11.91
C SER B 226 19.80 -26.14 -11.11
N PRO B 227 19.44 -24.84 -11.17
CA PRO B 227 18.16 -24.36 -10.63
C PRO B 227 16.95 -25.18 -11.10
N GLN B 228 16.92 -25.52 -12.39
CA GLN B 228 15.79 -26.23 -12.97
C GLN B 228 15.68 -27.60 -12.32
N ASP B 229 16.83 -28.27 -12.15
CA ASP B 229 16.88 -29.58 -11.51
C ASP B 229 16.36 -29.49 -10.07
N LEU B 230 16.75 -28.42 -9.37
CA LEU B 230 16.37 -28.28 -7.97
C LEU B 230 14.86 -28.05 -7.87
N ARG B 231 14.32 -27.22 -8.76
CA ARG B 231 12.89 -27.00 -8.80
C ARG B 231 12.13 -28.31 -9.04
N LEU B 232 12.60 -29.12 -10.03
CA LEU B 232 11.91 -30.37 -10.34
C LEU B 232 11.95 -31.30 -9.14
N PHE B 233 13.10 -31.29 -8.46
CA PHE B 233 13.26 -32.07 -7.25
C PHE B 233 12.23 -31.69 -6.20
N TYR B 234 12.09 -30.38 -5.90
CA TYR B 234 11.08 -29.95 -4.93
C TYR B 234 9.66 -30.30 -5.41
N GLU B 235 9.39 -30.14 -6.70
CA GLU B 235 8.05 -30.45 -7.20
C GLU B 235 7.66 -31.92 -6.98
N LYS B 236 8.62 -32.84 -7.16
CA LYS B 236 8.34 -34.28 -7.13
C LYS B 236 8.35 -34.84 -5.72
N ASN B 237 9.01 -34.16 -4.79
CA ASN B 237 9.16 -34.70 -3.44
C ASN B 237 8.32 -33.91 -2.46
N LYS B 238 7.17 -34.48 -2.09
CA LYS B 238 6.25 -33.82 -1.19
C LYS B 238 6.81 -33.73 0.22
N THR B 239 7.65 -34.69 0.59
CA THR B 239 8.39 -34.68 1.83
C THR B 239 9.85 -34.42 1.46
N LEU B 240 10.50 -33.49 2.17
CA LEU B 240 11.94 -33.34 2.09
C LEU B 240 12.55 -33.61 3.45
N VAL B 241 13.50 -34.55 3.49
CA VAL B 241 14.22 -34.78 4.72
C VAL B 241 15.71 -34.63 4.43
N PRO B 242 16.37 -33.64 5.05
CA PRO B 242 17.80 -33.48 4.84
C PRO B 242 18.50 -34.59 5.63
N THR B 243 19.61 -35.08 5.10
CA THR B 243 20.47 -36.01 5.82
C THR B 243 21.30 -35.25 6.84
N ILE B 244 21.12 -35.55 8.11
CA ILE B 244 21.88 -34.90 9.15
C ILE B 244 22.84 -35.90 9.80
N PRO B 245 24.14 -35.59 9.90
CA PRO B 245 25.09 -36.50 10.54
C PRO B 245 24.68 -36.89 11.96
N ALA B 246 24.90 -38.17 12.26
CA ALA B 246 24.54 -38.74 13.55
C ALA B 246 25.21 -37.98 14.69
N ALA B 247 26.39 -37.42 14.46
CA ALA B 247 27.14 -36.75 15.51
C ALA B 247 26.50 -35.40 15.88
N THR B 248 25.57 -34.89 15.05
CA THR B 248 24.97 -33.59 15.31
C THR B 248 24.26 -33.58 16.66
N SER B 249 24.37 -32.47 17.39
CA SER B 249 23.64 -32.31 18.64
C SER B 249 22.14 -32.38 18.42
N ALA B 250 21.41 -32.83 19.44
CA ALA B 250 19.97 -33.01 19.32
C ALA B 250 19.28 -31.67 19.04
N PRO B 251 19.59 -30.58 19.76
CA PRO B 251 19.00 -29.28 19.45
C PRO B 251 19.27 -28.80 18.01
N LEU B 252 20.49 -28.97 17.49
CA LEU B 252 20.78 -28.50 16.13
C LEU B 252 20.07 -29.36 15.13
N ARG B 253 19.99 -30.70 15.35
CA ARG B 253 19.20 -31.57 14.48
CA ARG B 253 19.19 -31.57 14.48
C ARG B 253 17.76 -31.08 14.43
N GLN B 254 17.17 -30.81 15.58
CA GLN B 254 15.77 -30.40 15.65
C GLN B 254 15.56 -29.06 14.92
N LEU B 255 16.45 -28.11 15.14
CA LEU B 255 16.38 -26.82 14.47
CA LEU B 255 16.38 -26.82 14.47
C LEU B 255 16.41 -26.99 12.95
N LEU B 256 17.36 -27.77 12.44
CA LEU B 256 17.50 -27.96 11.02
C LEU B 256 16.29 -28.63 10.39
N LEU B 257 15.73 -29.66 11.06
CA LEU B 257 14.57 -30.35 10.50
C LEU B 257 13.37 -29.40 10.47
N ALA B 258 13.25 -28.50 11.45
CA ALA B 258 12.12 -27.61 11.52
C ALA B 258 12.27 -26.43 10.52
N LEU B 259 13.50 -25.98 10.24
CA LEU B 259 13.70 -24.92 9.25
C LEU B 259 13.59 -25.46 7.85
N LEU B 260 14.06 -26.69 7.57
CA LEU B 260 14.06 -27.23 6.24
C LEU B 260 12.82 -28.08 5.99
N GLN B 261 11.66 -27.54 6.37
CA GLN B 261 10.37 -28.11 6.01
C GLN B 261 9.97 -27.55 4.65
N ARG B 262 9.60 -28.47 3.75
CA ARG B 262 9.23 -28.14 2.38
C ARG B 262 8.05 -27.18 2.36
N ASN B 263 7.04 -27.47 3.18
CA ASN B 263 5.78 -26.74 3.14
C ASN B 263 5.82 -25.65 4.19
N HIS B 264 5.63 -24.39 3.74
CA HIS B 264 5.85 -23.27 4.64
C HIS B 264 4.92 -23.33 5.86
N LYS B 265 3.73 -23.90 5.70
CA LYS B 265 2.81 -23.99 6.84
C LYS B 265 3.38 -24.86 7.97
N ASP B 266 4.18 -25.85 7.65
CA ASP B 266 4.80 -26.72 8.63
C ASP B 266 6.11 -26.15 9.18
N ARG B 267 6.72 -25.17 8.48
CA ARG B 267 8.04 -24.69 8.84
C ARG B 267 8.00 -23.92 10.15
N MET B 268 9.11 -23.96 10.86
CA MET B 268 9.37 -23.18 12.05
C MET B 268 8.94 -21.74 11.81
N ASP B 269 8.26 -21.13 12.77
CA ASP B 269 7.95 -19.72 12.68
C ASP B 269 8.97 -18.90 13.46
N PHE B 270 8.83 -17.58 13.41
CA PHE B 270 9.86 -16.71 13.96
C PHE B 270 9.99 -16.86 15.47
N ASP B 271 8.87 -16.93 16.18
CA ASP B 271 8.93 -17.04 17.62
C ASP B 271 9.69 -18.32 18.03
N GLU B 272 9.41 -19.45 17.38
CA GLU B 272 10.09 -20.70 17.68
C GLU B 272 11.60 -20.57 17.39
N PHE B 273 11.94 -19.90 16.27
CA PHE B 273 13.33 -19.71 15.90
C PHE B 273 14.06 -18.89 16.94
N PHE B 274 13.50 -17.73 17.29
CA PHE B 274 14.21 -16.83 18.18
C PHE B 274 14.45 -17.46 19.56
N HIS B 275 13.59 -18.38 19.97
CA HIS B 275 13.65 -18.97 21.31
C HIS B 275 14.14 -20.42 21.25
N HIS B 276 14.72 -20.85 20.12
CA HIS B 276 15.02 -22.26 19.94
C HIS B 276 16.13 -22.64 20.91
N PRO B 277 16.02 -23.82 21.57
CA PRO B 277 17.07 -24.28 22.49
C PRO B 277 18.50 -24.27 21.94
N PHE B 278 18.67 -24.48 20.63
CA PHE B 278 20.01 -24.43 20.04
C PHE B 278 20.69 -23.11 20.35
N LEU B 279 19.92 -22.04 20.37
CA LEU B 279 20.51 -20.72 20.55
C LEU B 279 20.80 -20.39 22.00
N ASP B 280 20.36 -21.18 23.00
CA ASP B 280 20.73 -20.84 24.39
C ASP B 280 22.24 -20.94 24.66
N ALA B 281 22.69 -20.19 25.69
CA ALA B 281 24.10 -20.08 26.09
C ALA B 281 24.74 -21.41 26.54
N THR C 9 28.60 30.17 -4.80
CA THR C 9 28.11 29.27 -5.89
C THR C 9 28.18 27.79 -5.48
N GLU C 10 27.03 27.11 -5.51
CA GLU C 10 26.94 25.70 -5.19
C GLU C 10 26.52 24.94 -6.44
N THR C 11 26.84 23.64 -6.51
CA THR C 11 26.52 22.86 -7.69
C THR C 11 25.66 21.66 -7.26
N VAL C 12 24.78 21.25 -8.16
CA VAL C 12 23.97 20.06 -8.04
C VAL C 12 23.98 19.46 -9.41
N GLY C 13 24.70 18.34 -9.59
CA GLY C 13 24.78 17.76 -10.91
C GLY C 13 25.39 18.76 -11.90
N LYS C 14 24.76 18.85 -13.07
CA LYS C 14 25.12 19.77 -14.14
C LYS C 14 24.63 21.21 -13.92
N PHE C 15 24.17 21.58 -12.71
CA PHE C 15 23.53 22.86 -12.46
C PHE C 15 24.21 23.57 -11.33
N GLU C 16 24.03 24.91 -11.28
CA GLU C 16 24.57 25.68 -10.19
C GLU C 16 23.65 26.83 -9.80
N PHE C 17 23.87 27.33 -8.60
CA PHE C 17 23.09 28.40 -8.05
C PHE C 17 23.86 29.10 -6.95
N SER C 18 23.48 30.34 -6.68
CA SER C 18 23.95 31.07 -5.53
C SER C 18 22.82 31.33 -4.58
N ARG C 19 23.08 31.19 -3.27
CA ARG C 19 22.09 31.51 -2.26
C ARG C 19 21.81 33.00 -2.13
N LYS C 20 22.53 33.83 -2.89
CA LYS C 20 22.19 35.23 -2.95
C LYS C 20 20.91 35.42 -3.78
N ASP C 21 20.56 34.45 -4.64
CA ASP C 21 19.48 34.63 -5.60
C ASP C 21 18.18 33.96 -5.13
N LEU C 22 17.75 34.32 -3.93
CA LEU C 22 16.54 33.76 -3.33
C LEU C 22 15.33 34.25 -4.13
N ILE C 23 14.47 33.34 -4.62
CA ILE C 23 13.27 33.72 -5.35
C ILE C 23 11.99 33.27 -4.69
N GLY C 24 12.08 32.50 -3.59
CA GLY C 24 10.90 32.08 -2.88
C GLY C 24 11.26 31.42 -1.55
N HIS C 25 10.42 31.62 -0.55
CA HIS C 25 10.60 30.98 0.74
C HIS C 25 9.23 30.66 1.32
N GLY C 26 9.16 29.53 2.02
CA GLY C 26 8.00 29.14 2.78
C GLY C 26 8.51 28.37 3.99
N ALA C 27 7.61 27.89 4.82
CA ALA C 27 8.02 27.19 6.03
C ALA C 27 8.79 25.92 5.67
N PHE C 28 8.49 25.28 4.52
CA PHE C 28 9.04 23.97 4.22
C PHE C 28 9.96 23.93 3.00
N ALA C 29 10.33 25.09 2.44
CA ALA C 29 11.23 25.10 1.29
C ALA C 29 11.75 26.51 1.02
N VAL C 30 12.94 26.58 0.42
CA VAL C 30 13.51 27.78 -0.13
CA VAL C 30 13.49 27.80 -0.14
C VAL C 30 13.86 27.49 -1.58
N VAL C 31 13.68 28.48 -2.46
CA VAL C 31 13.99 28.32 -3.85
C VAL C 31 14.98 29.42 -4.27
N PHE C 32 15.99 29.01 -5.02
CA PHE C 32 17.00 29.91 -5.58
C PHE C 32 16.99 29.81 -7.08
N LYS C 33 17.24 30.96 -7.74
CA LYS C 33 17.48 30.92 -9.15
C LYS C 33 18.85 30.27 -9.42
N GLY C 34 18.97 29.50 -10.51
CA GLY C 34 20.23 28.92 -10.94
C GLY C 34 20.27 28.74 -12.43
N ARG C 35 21.24 27.98 -12.92
CA ARG C 35 21.44 27.79 -14.34
C ARG C 35 22.25 26.52 -14.55
N HIS C 36 22.18 26.01 -15.77
CA HIS C 36 23.04 24.94 -16.25
C HIS C 36 24.49 25.43 -16.23
N ARG C 37 25.41 24.57 -15.73
CA ARG C 37 26.81 24.94 -15.56
C ARG C 37 27.50 25.13 -16.91
N GLU C 38 27.04 24.42 -17.94
CA GLU C 38 27.62 24.51 -19.27
C GLU C 38 26.85 25.55 -20.10
N LYS C 39 25.52 25.50 -20.11
CA LYS C 39 24.71 26.38 -20.93
C LYS C 39 24.05 27.44 -20.04
N HIS C 40 24.77 28.56 -19.83
CA HIS C 40 24.38 29.53 -18.83
C HIS C 40 23.00 30.14 -19.09
N ASP C 41 22.53 30.05 -20.34
CA ASP C 41 21.26 30.60 -20.76
C ASP C 41 20.10 29.70 -20.32
N LEU C 42 20.35 28.43 -19.96
CA LEU C 42 19.29 27.57 -19.44
C LEU C 42 19.08 27.84 -17.96
N GLU C 43 17.97 28.51 -17.64
CA GLU C 43 17.65 28.94 -16.29
C GLU C 43 16.91 27.79 -15.57
N VAL C 44 17.09 27.70 -14.26
CA VAL C 44 16.43 26.70 -13.43
C VAL C 44 16.12 27.34 -12.11
N ALA C 45 15.33 26.64 -11.30
CA ALA C 45 15.05 27.05 -9.94
C ALA C 45 15.41 25.87 -9.05
N VAL C 46 16.22 26.11 -8.02
CA VAL C 46 16.67 25.00 -7.18
C VAL C 46 15.97 25.11 -5.85
N LYS C 47 15.19 24.09 -5.51
CA LYS C 47 14.46 24.06 -4.30
C LYS C 47 15.23 23.23 -3.24
N CYS C 48 15.33 23.78 -2.04
CA CYS C 48 16.18 23.36 -0.94
C CYS C 48 15.36 23.32 0.35
N ILE C 49 15.91 22.63 1.34
CA ILE C 49 15.35 22.55 2.66
C ILE C 49 15.30 23.94 3.28
N ASN C 50 14.23 24.18 4.03
CA ASN C 50 14.22 25.27 4.99
C ASN C 50 14.62 24.71 6.36
N LYS C 51 15.80 25.11 6.84
CA LYS C 51 16.39 24.55 8.05
C LYS C 51 15.58 24.91 9.30
N LYS C 52 14.75 25.95 9.23
CA LYS C 52 13.89 26.29 10.35
C LYS C 52 12.83 25.22 10.59
N ASN C 53 12.57 24.35 9.60
CA ASN C 53 11.64 23.25 9.77
C ASN C 53 12.22 22.02 9.09
N LEU C 54 13.39 21.60 9.60
CA LEU C 54 14.26 20.71 8.86
C LEU C 54 13.58 19.40 8.54
N ALA C 55 13.00 18.74 9.56
CA ALA C 55 12.49 17.39 9.34
C ALA C 55 11.33 17.41 8.35
N LYS C 56 10.38 18.34 8.55
CA LYS C 56 9.19 18.31 7.73
C LYS C 56 9.56 18.76 6.30
N SER C 57 10.47 19.73 6.22
CA SER C 57 10.96 20.20 4.92
C SER C 57 11.61 19.06 4.16
N GLN C 58 12.45 18.30 4.86
CA GLN C 58 13.08 17.15 4.22
C GLN C 58 12.05 16.15 3.72
N THR C 59 11.04 15.85 4.53
CA THR C 59 10.00 14.91 4.13
C THR C 59 9.24 15.39 2.89
N LEU C 60 8.86 16.66 2.88
CA LEU C 60 8.01 17.19 1.79
C LEU C 60 8.79 17.28 0.49
N LEU C 61 10.06 17.68 0.52
CA LEU C 61 10.87 17.71 -0.69
CA LEU C 61 10.88 17.72 -0.68
C LEU C 61 11.08 16.29 -1.20
N GLY C 62 11.24 15.32 -0.31
CA GLY C 62 11.33 13.94 -0.73
C GLY C 62 10.06 13.45 -1.43
N LYS C 63 8.91 13.84 -0.89
CA LYS C 63 7.63 13.46 -1.49
C LYS C 63 7.48 14.10 -2.85
N GLU C 64 7.93 15.36 -2.98
CA GLU C 64 7.79 16.06 -4.24
C GLU C 64 8.64 15.38 -5.30
N ILE C 65 9.88 14.92 -4.94
CA ILE C 65 10.68 14.15 -5.89
C ILE C 65 9.92 12.91 -6.36
N LYS C 66 9.42 12.14 -5.40
CA LYS C 66 8.74 10.87 -5.67
C LYS C 66 7.60 11.05 -6.66
N ILE C 67 6.82 12.13 -6.49
CA ILE C 67 5.68 12.39 -7.35
C ILE C 67 6.12 12.94 -8.69
N LEU C 68 6.95 14.00 -8.71
CA LEU C 68 7.27 14.67 -9.95
C LEU C 68 8.16 13.83 -10.86
N LYS C 69 8.95 12.90 -10.31
CA LYS C 69 9.70 12.04 -11.20
C LYS C 69 8.75 11.18 -12.02
N GLU C 70 7.46 11.05 -11.65
CA GLU C 70 6.53 10.27 -12.44
C GLU C 70 5.60 11.09 -13.35
N LEU C 71 5.68 12.44 -13.33
CA LEU C 71 4.71 13.29 -14.02
C LEU C 71 5.47 14.17 -15.01
N LYS C 72 5.24 13.99 -16.30
CA LYS C 72 5.87 14.83 -17.31
C LYS C 72 4.74 15.42 -18.15
N HIS C 73 4.54 16.73 -18.05
CA HIS C 73 3.46 17.37 -18.75
C HIS C 73 3.84 18.84 -18.89
N GLU C 74 3.44 19.43 -20.02
CA GLU C 74 3.75 20.82 -20.28
C GLU C 74 3.11 21.77 -19.26
N ASN C 75 2.06 21.36 -18.56
CA ASN C 75 1.40 22.22 -17.58
C ASN C 75 1.70 21.77 -16.14
N ILE C 76 2.78 21.01 -15.93
CA ILE C 76 3.27 20.65 -14.61
C ILE C 76 4.75 21.00 -14.54
N VAL C 77 5.14 21.68 -13.47
CA VAL C 77 6.52 22.10 -13.29
CA VAL C 77 6.52 22.10 -13.28
C VAL C 77 7.44 20.90 -13.46
N ALA C 78 8.48 21.06 -14.28
CA ALA C 78 9.39 19.96 -14.61
C ALA C 78 10.45 19.84 -13.52
N LEU C 79 10.83 18.57 -13.29
CA LEU C 79 11.95 18.21 -12.42
C LEU C 79 13.09 17.71 -13.30
N TYR C 80 14.12 18.52 -13.47
CA TYR C 80 15.23 18.18 -14.35
C TYR C 80 16.19 17.19 -13.67
N ASP C 81 16.45 17.39 -12.40
CA ASP C 81 17.31 16.52 -11.61
C ASP C 81 17.03 16.79 -10.15
N PHE C 82 17.68 16.01 -9.29
CA PHE C 82 17.47 16.08 -7.88
C PHE C 82 18.65 15.37 -7.19
N GLN C 83 18.82 15.68 -5.93
CA GLN C 83 19.91 15.07 -5.15
C GLN C 83 19.43 14.92 -3.73
N GLU C 84 19.16 13.65 -3.36
CA GLU C 84 18.68 13.32 -2.04
C GLU C 84 19.75 12.55 -1.26
N MET C 85 20.05 13.02 -0.05
CA MET C 85 21.05 12.42 0.84
C MET C 85 20.43 12.32 2.21
N ALA C 86 21.19 11.79 3.20
CA ALA C 86 20.61 11.63 4.51
C ALA C 86 20.24 12.96 5.13
N ASN C 87 21.04 14.01 4.92
CA ASN C 87 20.88 15.25 5.66
C ASN C 87 20.59 16.41 4.74
N SER C 88 20.38 16.20 3.44
CA SER C 88 20.08 17.32 2.53
C SER C 88 19.28 16.81 1.35
N VAL C 89 18.48 17.68 0.75
CA VAL C 89 17.74 17.35 -0.45
CA VAL C 89 17.75 17.35 -0.46
C VAL C 89 17.63 18.60 -1.33
N TYR C 90 17.91 18.44 -2.62
CA TYR C 90 17.80 19.50 -3.61
C TYR C 90 16.97 19.01 -4.78
N LEU C 91 16.08 19.90 -5.31
CA LEU C 91 15.40 19.61 -6.55
C LEU C 91 15.78 20.71 -7.56
N VAL C 92 16.17 20.28 -8.75
CA VAL C 92 16.47 21.20 -9.83
C VAL C 92 15.28 21.19 -10.76
N MET C 93 14.58 22.35 -10.75
CA MET C 93 13.24 22.44 -11.32
C MET C 93 13.17 23.53 -12.40
N GLU C 94 12.13 23.42 -13.19
CA GLU C 94 11.78 24.41 -14.20
C GLU C 94 11.66 25.78 -13.56
N TYR C 95 12.30 26.77 -14.19
CA TYR C 95 12.10 28.16 -13.81
C TYR C 95 10.93 28.73 -14.64
N CYS C 96 9.88 29.13 -13.94
CA CYS C 96 8.68 29.60 -14.63
C CYS C 96 8.79 31.14 -14.72
N ASN C 97 9.04 31.63 -15.93
CA ASN C 97 9.53 32.99 -16.09
C ASN C 97 8.42 34.05 -15.99
N GLY C 98 7.19 33.65 -15.83
CA GLY C 98 6.03 34.54 -15.74
C GLY C 98 5.53 34.80 -14.33
N GLY C 99 6.13 34.20 -13.30
CA GLY C 99 5.61 34.46 -11.96
C GLY C 99 4.38 33.61 -11.63
N ASP C 100 3.66 33.98 -10.58
CA ASP C 100 2.51 33.20 -10.14
C ASP C 100 1.19 33.87 -10.49
N LEU C 101 0.13 33.06 -10.44
CA LEU C 101 -1.21 33.55 -10.70
C LEU C 101 -1.61 34.55 -9.62
N ALA C 102 -1.14 34.39 -8.40
CA ALA C 102 -1.52 35.30 -7.34
C ALA C 102 -1.14 36.76 -7.68
N ASP C 103 0.10 36.94 -8.13
CA ASP C 103 0.61 38.28 -8.41
C ASP C 103 -0.11 38.85 -9.65
N TYR C 104 -0.38 37.98 -10.61
CA TYR C 104 -1.08 38.35 -11.84
C TYR C 104 -2.49 38.82 -11.50
N LEU C 105 -3.20 38.08 -10.65
CA LEU C 105 -4.55 38.46 -10.26
CA LEU C 105 -4.56 38.46 -10.24
C LEU C 105 -4.55 39.76 -9.46
N HIS C 106 -3.54 39.96 -8.61
CA HIS C 106 -3.44 41.20 -7.84
C HIS C 106 -3.37 42.39 -8.79
N ALA C 107 -2.56 42.28 -9.83
CA ALA C 107 -2.37 43.38 -10.79
C ALA C 107 -3.62 43.55 -11.65
N MET C 108 -4.24 42.46 -12.09
CA MET C 108 -5.38 42.60 -12.98
C MET C 108 -6.68 42.91 -12.23
N ARG C 109 -6.79 42.46 -10.98
CA ARG C 109 -7.98 42.46 -10.14
C ARG C 109 -8.92 41.33 -10.50
N THR C 110 -9.36 41.27 -11.76
CA THR C 110 -10.16 40.17 -12.25
C THR C 110 -9.65 39.83 -13.63
N LEU C 111 -9.92 38.62 -14.09
CA LEU C 111 -9.55 38.17 -15.42
C LEU C 111 -10.81 38.03 -16.26
N SER C 112 -10.63 38.25 -17.56
CA SER C 112 -11.68 37.97 -18.54
C SER C 112 -12.06 36.50 -18.56
N GLU C 113 -13.28 36.20 -19.03
CA GLU C 113 -13.68 34.82 -19.20
C GLU C 113 -12.77 34.11 -20.20
N ASP C 114 -12.31 34.81 -21.24
CA ASP C 114 -11.46 34.18 -22.22
C ASP C 114 -10.11 33.80 -21.59
N THR C 115 -9.56 34.66 -20.72
CA THR C 115 -8.30 34.34 -20.06
C THR C 115 -8.52 33.16 -19.11
N ILE C 116 -9.60 33.20 -18.35
CA ILE C 116 -9.94 32.12 -17.44
C ILE C 116 -10.06 30.82 -18.21
N ARG C 117 -10.69 30.85 -19.39
CA ARG C 117 -10.82 29.65 -20.18
C ARG C 117 -9.46 29.10 -20.59
N LEU C 118 -8.57 29.97 -21.05
CA LEU C 118 -7.25 29.55 -21.48
C LEU C 118 -6.50 28.87 -20.32
N PHE C 119 -6.53 29.51 -19.15
CA PHE C 119 -5.82 28.99 -18.00
C PHE C 119 -6.46 27.68 -17.54
N LEU C 120 -7.79 27.62 -17.53
CA LEU C 120 -8.47 26.45 -17.02
C LEU C 120 -8.35 25.27 -17.98
N GLN C 121 -8.29 25.52 -19.30
CA GLN C 121 -8.01 24.43 -20.25
C GLN C 121 -6.69 23.75 -19.92
N GLN C 122 -5.69 24.57 -19.57
CA GLN C 122 -4.35 24.07 -19.30
CA GLN C 122 -4.35 24.07 -19.30
C GLN C 122 -4.32 23.35 -17.95
N ILE C 123 -4.96 23.91 -16.93
CA ILE C 123 -5.06 23.23 -15.64
C ILE C 123 -5.79 21.90 -15.82
N ALA C 124 -6.87 21.87 -16.62
CA ALA C 124 -7.59 20.62 -16.85
C ALA C 124 -6.69 19.57 -17.51
N GLY C 125 -5.81 19.96 -18.46
CA GLY C 125 -4.89 19.03 -19.08
C GLY C 125 -3.96 18.39 -18.04
N ALA C 126 -3.42 19.22 -17.14
CA ALA C 126 -2.58 18.70 -16.10
C ALA C 126 -3.37 17.73 -15.22
N MET C 127 -4.57 18.15 -14.82
CA MET C 127 -5.40 17.34 -13.94
C MET C 127 -5.80 16.03 -14.57
N ARG C 128 -5.94 15.97 -15.91
CA ARG C 128 -6.22 14.71 -16.58
CA ARG C 128 -6.22 14.71 -16.59
C ARG C 128 -5.10 13.71 -16.32
N LEU C 129 -3.85 14.19 -16.36
CA LEU C 129 -2.71 13.32 -16.07
C LEU C 129 -2.68 12.89 -14.60
N LEU C 130 -2.85 13.84 -13.66
CA LEU C 130 -2.88 13.48 -12.24
C LEU C 130 -3.93 12.41 -12.03
N HIS C 131 -5.14 12.63 -12.54
CA HIS C 131 -6.25 11.71 -12.34
C HIS C 131 -5.95 10.34 -12.95
N SER C 132 -5.37 10.29 -14.15
CA SER C 132 -5.06 9.00 -14.76
C SER C 132 -3.98 8.25 -13.98
N LYS C 133 -3.08 9.00 -13.34
CA LYS C 133 -2.01 8.37 -12.56
C LYS C 133 -2.45 8.06 -11.13
N GLY C 134 -3.63 8.56 -10.71
CA GLY C 134 -4.14 8.30 -9.37
C GLY C 134 -3.49 9.17 -8.29
N ILE C 135 -3.10 10.39 -8.68
CA ILE C 135 -2.43 11.33 -7.80
C ILE C 135 -3.38 12.49 -7.50
N ILE C 136 -3.38 12.93 -6.22
CA ILE C 136 -4.12 14.14 -5.82
C ILE C 136 -3.07 15.14 -5.32
N HIS C 137 -3.29 16.43 -5.57
CA HIS C 137 -2.27 17.46 -5.37
C HIS C 137 -2.31 18.00 -3.92
N ARG C 138 -3.52 18.44 -3.51
CA ARG C 138 -3.87 18.83 -2.14
C ARG C 138 -3.39 20.22 -1.75
N ASP C 139 -2.75 21.00 -2.63
CA ASP C 139 -2.34 22.34 -2.21
C ASP C 139 -2.53 23.33 -3.35
N LEU C 140 -3.63 23.19 -4.09
CA LEU C 140 -3.86 24.06 -5.22
C LEU C 140 -4.34 25.42 -4.67
N LYS C 141 -3.69 26.47 -5.15
CA LYS C 141 -3.97 27.86 -4.76
C LYS C 141 -3.23 28.74 -5.77
N PRO C 142 -3.56 30.04 -5.91
CA PRO C 142 -2.91 30.85 -6.93
C PRO C 142 -1.39 30.95 -6.83
N GLN C 143 -0.82 30.85 -5.62
CA GLN C 143 0.62 30.93 -5.45
C GLN C 143 1.28 29.67 -6.05
N ASN C 144 0.51 28.60 -6.26
CA ASN C 144 1.07 27.32 -6.75
C ASN C 144 0.66 27.06 -8.20
N ILE C 145 0.08 28.09 -8.86
CA ILE C 145 -0.14 28.06 -10.30
C ILE C 145 0.86 29.06 -10.87
N LEU C 146 1.88 28.58 -11.57
CA LEU C 146 2.89 29.45 -12.12
C LEU C 146 2.64 29.67 -13.60
N LEU C 147 3.29 30.69 -14.15
CA LEU C 147 3.13 31.06 -15.55
CA LEU C 147 3.13 31.06 -15.55
C LEU C 147 4.50 31.05 -16.22
N SER C 148 4.51 30.71 -17.49
CA SER C 148 5.73 30.68 -18.26
C SER C 148 5.46 31.05 -19.71
N ASN C 149 6.32 31.90 -20.27
CA ASN C 149 6.33 32.20 -21.71
C ASN C 149 7.41 31.35 -22.36
N PRO C 150 7.08 30.35 -23.21
CA PRO C 150 8.10 29.44 -23.72
C PRO C 150 9.10 30.16 -24.63
N ALA C 151 10.34 29.67 -24.64
CA ALA C 151 11.38 30.19 -25.53
C ALA C 151 10.99 29.96 -26.99
N GLY C 152 11.74 30.59 -27.90
CA GLY C 152 11.59 30.33 -29.33
C GLY C 152 10.59 31.29 -29.98
N ARG C 153 10.16 30.93 -31.19
CA ARG C 153 9.49 31.85 -32.10
C ARG C 153 8.11 32.27 -31.57
N ARG C 154 7.37 31.35 -30.92
CA ARG C 154 6.04 31.60 -30.38
C ARG C 154 5.11 32.14 -31.49
N ALA C 155 5.08 31.38 -32.59
CA ALA C 155 4.12 31.62 -33.66
C ALA C 155 2.75 31.07 -33.29
N ASN C 156 2.61 30.42 -32.13
CA ASN C 156 1.34 29.81 -31.76
C ASN C 156 0.48 30.82 -30.98
N PRO C 157 -0.86 30.76 -31.14
CA PRO C 157 -1.76 31.68 -30.44
C PRO C 157 -1.80 31.42 -28.93
N ASN C 158 -2.02 32.47 -28.14
CA ASN C 158 -2.04 32.38 -26.69
C ASN C 158 -0.97 31.40 -26.22
N SER C 159 0.31 31.79 -26.39
CA SER C 159 1.42 30.88 -26.12
C SER C 159 1.78 30.77 -24.62
N ILE C 160 1.27 31.68 -23.76
CA ILE C 160 1.53 31.60 -22.31
C ILE C 160 1.02 30.26 -21.76
N ARG C 161 1.84 29.68 -20.85
CA ARG C 161 1.57 28.37 -20.31
C ARG C 161 1.45 28.44 -18.78
N VAL C 162 0.44 27.78 -18.24
CA VAL C 162 0.33 27.62 -16.79
CA VAL C 162 0.29 27.59 -16.80
C VAL C 162 1.14 26.38 -16.39
N LYS C 163 1.73 26.40 -15.20
CA LYS C 163 2.43 25.24 -14.66
C LYS C 163 1.95 25.02 -13.23
N ILE C 164 1.28 23.89 -12.95
CA ILE C 164 0.97 23.53 -11.59
C ILE C 164 2.29 23.21 -10.90
N ALA C 165 2.47 23.74 -9.70
CA ALA C 165 3.66 23.54 -8.92
C ALA C 165 3.35 23.12 -7.49
N ASP C 166 4.43 22.85 -6.73
N ASP C 166 4.43 22.85 -6.74
CA ASP C 166 4.42 22.52 -5.30
CA ASP C 166 4.45 22.50 -5.32
C ASP C 166 3.64 21.24 -5.02
C ASP C 166 3.64 21.24 -5.02
N PHE C 167 4.30 20.11 -5.28
CA PHE C 167 3.73 18.78 -5.12
C PHE C 167 4.18 18.11 -3.84
N GLY C 168 4.62 18.90 -2.85
CA GLY C 168 5.06 18.36 -1.57
C GLY C 168 3.97 17.68 -0.74
N PHE C 169 2.69 18.07 -0.94
CA PHE C 169 1.58 17.48 -0.22
CA PHE C 169 1.59 17.46 -0.22
C PHE C 169 0.87 16.43 -1.06
N ALA C 170 1.30 16.21 -2.30
CA ALA C 170 0.60 15.29 -3.18
C ALA C 170 0.78 13.83 -2.73
N ARG C 171 -0.20 13.00 -3.08
CA ARG C 171 -0.14 11.57 -2.80
C ARG C 171 -0.85 10.77 -3.85
N TYR C 172 -0.42 9.50 -3.98
CA TYR C 172 -1.24 8.52 -4.67
C TYR C 172 -2.43 8.19 -3.78
N LEU C 173 -3.59 8.08 -4.39
CA LEU C 173 -4.79 7.61 -3.74
C LEU C 173 -5.44 6.58 -4.64
N GLN C 174 -5.48 5.36 -4.14
CA GLN C 174 -6.15 4.30 -4.88
C GLN C 174 -7.62 4.63 -5.09
N SER C 175 -8.16 4.22 -6.25
CA SER C 175 -9.46 4.70 -6.71
C SER C 175 -10.58 4.29 -5.78
N ASN C 176 -10.43 3.25 -4.97
CA ASN C 176 -11.53 2.87 -4.06
C ASN C 176 -11.25 3.30 -2.62
N MET C 177 -10.27 4.17 -2.42
CA MET C 177 -9.87 4.58 -1.08
CA MET C 177 -9.87 4.58 -1.08
C MET C 177 -10.12 6.08 -0.91
N MET C 178 -10.04 6.53 0.35
CA MET C 178 -10.18 7.93 0.68
CA MET C 178 -10.16 7.94 0.65
C MET C 178 -8.95 8.37 1.48
N ALA C 179 -8.57 9.64 1.35
CA ALA C 179 -7.50 10.24 2.13
C ALA C 179 -8.13 10.95 3.33
N ALA C 180 -7.33 11.20 4.34
CA ALA C 180 -7.79 11.90 5.52
C ALA C 180 -6.74 12.83 6.12
N TPO C 181 -5.55 13.01 5.51
CA TPO C 181 -4.56 13.89 6.08
CB TPO C 181 -3.21 13.71 5.42
CG2 TPO C 181 -2.16 14.65 5.97
OG1 TPO C 181 -2.81 12.32 5.67
P TPO C 181 -2.57 11.36 4.35
O1P TPO C 181 -2.38 9.96 5.02
O2P TPO C 181 -3.78 11.45 3.47
O3P TPO C 181 -1.30 11.89 3.76
C TPO C 181 -5.00 15.36 5.94
O TPO C 181 -5.39 15.81 4.87
H TPO C 181 -5.37 12.58 4.72
HA TPO C 181 -4.48 13.68 7.03
HB TPO C 181 -3.31 13.86 4.44
HG21 TPO C 181 -2.42 14.96 6.87
HG22 TPO C 181 -2.06 15.42 5.38
HG23 TPO C 181 -1.31 14.18 6.03
N LEU C 182 -4.97 16.10 7.06
CA LEU C 182 -5.30 17.52 7.01
C LEU C 182 -4.10 18.29 6.50
N CYS C 183 -4.17 18.78 5.28
CA CYS C 183 -3.12 19.57 4.68
C CYS C 183 -3.74 20.44 3.59
N GLY C 184 -2.99 21.45 3.18
CA GLY C 184 -3.48 22.38 2.17
C GLY C 184 -3.58 23.80 2.73
N SER C 185 -4.08 24.72 1.92
CA SER C 185 -4.29 26.08 2.35
CA SER C 185 -4.30 26.10 2.30
C SER C 185 -5.76 26.30 2.69
N PRO C 186 -6.10 26.67 3.95
CA PRO C 186 -7.51 26.71 4.38
C PRO C 186 -8.51 27.40 3.49
N MET C 187 -8.15 28.52 2.86
CA MET C 187 -9.13 29.24 2.05
C MET C 187 -9.45 28.47 0.78
N TYR C 188 -8.61 27.47 0.40
CA TYR C 188 -8.82 26.72 -0.83
C TYR C 188 -9.21 25.27 -0.55
N MET C 189 -9.28 24.89 0.74
CA MET C 189 -9.61 23.51 1.10
C MET C 189 -11.09 23.21 0.86
N ALA C 190 -11.39 22.03 0.33
CA ALA C 190 -12.78 21.59 0.26
C ALA C 190 -13.35 21.45 1.68
N PRO C 191 -14.66 21.67 1.84
CA PRO C 191 -15.31 21.52 3.16
C PRO C 191 -14.94 20.22 3.86
N GLU C 192 -14.97 19.11 3.13
CA GLU C 192 -14.69 17.82 3.74
C GLU C 192 -13.26 17.79 4.27
N VAL C 193 -12.31 18.50 3.64
CA VAL C 193 -10.95 18.50 4.12
C VAL C 193 -10.87 19.31 5.42
N ILE C 194 -11.37 20.54 5.42
CA ILE C 194 -11.18 21.41 6.57
C ILE C 194 -12.05 20.93 7.73
N MET C 195 -13.11 20.16 7.46
CA MET C 195 -13.90 19.56 8.54
C MET C 195 -13.31 18.24 9.05
N SER C 196 -12.08 17.91 8.67
CA SER C 196 -11.36 16.70 9.10
C SER C 196 -12.11 15.42 8.72
N GLN C 197 -12.78 15.40 7.57
CA GLN C 197 -13.43 14.20 7.10
C GLN C 197 -12.56 13.53 6.01
N HIS C 198 -13.00 12.36 5.57
CA HIS C 198 -12.35 11.69 4.45
C HIS C 198 -12.65 12.45 3.16
N TYR C 199 -11.73 12.36 2.18
CA TYR C 199 -11.90 13.04 0.92
C TYR C 199 -11.20 12.24 -0.19
N ASP C 200 -11.43 12.68 -1.43
CA ASP C 200 -10.82 12.02 -2.59
C ASP C 200 -10.38 13.11 -3.56
N GLY C 201 -10.27 12.73 -4.84
CA GLY C 201 -9.74 13.63 -5.85
C GLY C 201 -10.65 14.83 -6.09
N LYS C 202 -11.93 14.74 -5.68
CA LYS C 202 -12.82 15.86 -5.89
C LYS C 202 -12.50 17.05 -5.00
N ALA C 203 -11.70 16.86 -3.95
CA ALA C 203 -11.28 17.98 -3.12
C ALA C 203 -10.49 18.98 -3.96
N ASP C 204 -9.61 18.50 -4.84
CA ASP C 204 -8.84 19.39 -5.70
C ASP C 204 -9.79 20.14 -6.65
N LEU C 205 -10.90 19.53 -7.06
CA LEU C 205 -11.82 20.23 -7.95
C LEU C 205 -12.50 21.43 -7.27
N TRP C 206 -12.78 21.32 -5.96
CA TRP C 206 -13.24 22.42 -5.14
C TRP C 206 -12.20 23.53 -5.14
N SER C 207 -10.93 23.19 -4.91
CA SER C 207 -9.87 24.18 -4.93
C SER C 207 -9.85 24.92 -6.27
N ILE C 208 -9.93 24.16 -7.36
CA ILE C 208 -9.95 24.76 -8.69
C ILE C 208 -11.15 25.70 -8.86
N GLY C 209 -12.32 25.25 -8.44
CA GLY C 209 -13.50 26.12 -8.43
C GLY C 209 -13.26 27.43 -7.69
N THR C 210 -12.61 27.35 -6.55
CA THR C 210 -12.32 28.51 -5.73
CA THR C 210 -12.34 28.52 -5.74
C THR C 210 -11.42 29.47 -6.49
N ILE C 211 -10.39 28.92 -7.14
CA ILE C 211 -9.45 29.72 -7.91
C ILE C 211 -10.18 30.40 -9.08
N VAL C 212 -11.01 29.63 -9.78
CA VAL C 212 -11.74 30.17 -10.94
C VAL C 212 -12.67 31.32 -10.49
N TYR C 213 -13.38 31.12 -9.40
CA TYR C 213 -14.27 32.14 -8.83
C TYR C 213 -13.49 33.41 -8.49
N GLN C 214 -12.34 33.23 -7.84
CA GLN C 214 -11.45 34.32 -7.48
C GLN C 214 -10.96 35.07 -8.70
N CYS C 215 -10.63 34.36 -9.80
CA CYS C 215 -10.22 35.02 -11.03
C CYS C 215 -11.36 35.85 -11.62
N LEU C 216 -12.58 35.32 -11.55
CA LEU C 216 -13.75 35.97 -12.15
C LEU C 216 -14.14 37.23 -11.38
N THR C 217 -14.08 37.17 -10.04
CA THR C 217 -14.71 38.17 -9.21
C THR C 217 -13.71 38.98 -8.43
N GLY C 218 -12.47 38.47 -8.25
CA GLY C 218 -11.49 39.09 -7.39
C GLY C 218 -11.67 38.81 -5.92
N LYS C 219 -12.65 37.97 -5.56
CA LYS C 219 -12.86 37.64 -4.16
C LYS C 219 -13.04 36.13 -4.02
N ALA C 220 -13.00 35.72 -2.75
CA ALA C 220 -13.28 34.38 -2.31
C ALA C 220 -14.76 34.13 -2.39
N PRO C 221 -15.23 32.93 -2.80
CA PRO C 221 -16.66 32.66 -2.84
C PRO C 221 -17.28 32.64 -1.44
N PHE C 222 -16.50 32.24 -0.43
CA PHE C 222 -17.00 32.15 0.93
C PHE C 222 -15.99 32.84 1.85
N GLN C 223 -16.32 34.08 2.23
CA GLN C 223 -15.38 34.91 2.95
C GLN C 223 -15.47 34.56 4.43
N ALA C 224 -14.35 34.62 5.10
CA ALA C 224 -14.28 34.36 6.52
C ALA C 224 -13.06 35.10 7.07
N SER C 225 -13.07 35.35 8.38
CA SER C 225 -12.04 36.12 9.04
C SER C 225 -10.81 35.26 9.32
N SER C 226 -11.01 33.94 9.42
CA SER C 226 -9.95 33.01 9.76
C SER C 226 -10.30 31.61 9.25
N PRO C 227 -9.34 30.66 9.22
CA PRO C 227 -9.64 29.25 9.00
C PRO C 227 -10.77 28.70 9.88
N GLN C 228 -10.73 29.04 11.16
CA GLN C 228 -11.68 28.53 12.13
C GLN C 228 -13.08 29.03 11.77
N ASP C 229 -13.18 30.31 11.40
CA ASP C 229 -14.44 30.90 11.00
C ASP C 229 -14.98 30.19 9.75
N LEU C 230 -14.08 29.90 8.81
CA LEU C 230 -14.50 29.28 7.55
C LEU C 230 -15.01 27.88 7.81
N ARG C 231 -14.32 27.14 8.67
CA ARG C 231 -14.76 25.81 9.07
C ARG C 231 -16.15 25.86 9.70
N LEU C 232 -16.37 26.81 10.63
CA LEU C 232 -17.66 26.92 11.32
C LEU C 232 -18.75 27.22 10.30
N PHE C 233 -18.41 28.09 9.34
CA PHE C 233 -19.33 28.44 8.28
C PHE C 233 -19.75 27.21 7.48
N TYR C 234 -18.78 26.38 7.01
CA TYR C 234 -19.13 25.16 6.30
C TYR C 234 -19.93 24.21 7.19
N GLU C 235 -19.58 24.09 8.47
CA GLU C 235 -20.31 23.18 9.35
C GLU C 235 -21.80 23.55 9.46
N LYS C 236 -22.10 24.86 9.53
CA LYS C 236 -23.46 25.35 9.80
C LYS C 236 -24.32 25.41 8.55
N ASN C 237 -23.69 25.50 7.37
CA ASN C 237 -24.43 25.66 6.13
C ASN C 237 -24.39 24.39 5.31
N LYS C 238 -25.48 23.63 5.36
CA LYS C 238 -25.54 22.35 4.67
C LYS C 238 -25.61 22.53 3.16
N THR C 239 -26.11 23.67 2.70
CA THR C 239 -26.04 24.05 1.30
C THR C 239 -25.16 25.29 1.21
N LEU C 240 -24.29 25.32 0.21
CA LEU C 240 -23.50 26.51 -0.09
C LEU C 240 -23.82 26.93 -1.50
N VAL C 241 -24.20 28.20 -1.67
CA VAL C 241 -24.36 28.73 -3.00
CA VAL C 241 -24.42 28.77 -2.98
C VAL C 241 -23.50 29.97 -3.14
N PRO C 242 -22.51 29.95 -4.05
CA PRO C 242 -21.68 31.13 -4.25
C PRO C 242 -22.53 32.15 -5.01
N THR C 243 -22.30 33.42 -4.73
CA THR C 243 -22.90 34.51 -5.47
C THR C 243 -22.14 34.70 -6.77
N ILE C 244 -22.81 34.50 -7.89
CA ILE C 244 -22.17 34.67 -9.18
C ILE C 244 -22.75 35.88 -9.91
N PRO C 245 -21.93 36.84 -10.39
CA PRO C 245 -22.43 37.99 -11.14
C PRO C 245 -23.33 37.60 -12.31
N ALA C 246 -24.41 38.39 -12.44
CA ALA C 246 -25.41 38.15 -13.47
C ALA C 246 -24.79 38.15 -14.86
N ALA C 247 -23.74 38.94 -15.06
CA ALA C 247 -23.13 39.06 -16.37
C ALA C 247 -22.33 37.81 -16.76
N THR C 248 -22.07 36.91 -15.81
CA THR C 248 -21.32 35.69 -16.09
C THR C 248 -21.98 34.86 -17.19
N SER C 249 -21.17 34.29 -18.08
CA SER C 249 -21.69 33.39 -19.09
C SER C 249 -22.38 32.18 -18.46
N ALA C 250 -23.36 31.63 -19.18
CA ALA C 250 -24.13 30.51 -18.64
C ALA C 250 -23.22 29.31 -18.39
N PRO C 251 -22.35 28.91 -19.33
CA PRO C 251 -21.43 27.79 -19.07
C PRO C 251 -20.51 28.03 -17.86
N LEU C 252 -19.96 29.23 -17.68
CA LEU C 252 -19.08 29.47 -16.53
C LEU C 252 -19.88 29.44 -15.23
N ARG C 253 -21.11 30.01 -15.22
CA ARG C 253 -21.98 29.89 -14.06
CA ARG C 253 -21.96 29.90 -14.05
C ARG C 253 -22.19 28.42 -13.69
N GLN C 254 -22.52 27.60 -14.68
CA GLN C 254 -22.82 26.20 -14.43
C GLN C 254 -21.59 25.47 -13.88
N LEU C 255 -20.42 25.73 -14.49
CA LEU C 255 -19.18 25.11 -14.04
CA LEU C 255 -19.17 25.12 -14.04
C LEU C 255 -18.91 25.47 -12.57
N LEU C 256 -19.03 26.74 -12.22
CA LEU C 256 -18.74 27.17 -10.86
C LEU C 256 -19.71 26.57 -9.84
N LEU C 257 -21.00 26.52 -10.17
CA LEU C 257 -21.99 25.95 -9.25
C LEU C 257 -21.72 24.45 -9.04
N ALA C 258 -21.26 23.76 -10.07
CA ALA C 258 -21.00 22.33 -9.97
C ALA C 258 -19.68 22.03 -9.24
N LEU C 259 -18.66 22.89 -9.36
CA LEU C 259 -17.40 22.70 -8.66
C LEU C 259 -17.54 23.08 -7.20
N LEU C 260 -18.31 24.13 -6.89
CA LEU C 260 -18.43 24.62 -5.54
C LEU C 260 -19.66 24.03 -4.83
N GLN C 261 -19.84 22.72 -4.98
CA GLN C 261 -20.79 21.95 -4.20
C GLN C 261 -20.15 21.53 -2.89
N ARG C 262 -20.84 21.84 -1.79
CA ARG C 262 -20.36 21.56 -0.45
C ARG C 262 -20.08 20.07 -0.26
N ASN C 263 -21.00 19.23 -0.71
CA ASN C 263 -20.91 17.81 -0.44
C ASN C 263 -20.26 17.11 -1.64
N HIS C 264 -19.17 16.39 -1.36
CA HIS C 264 -18.34 15.89 -2.45
C HIS C 264 -19.13 14.94 -3.36
N LYS C 265 -20.10 14.20 -2.82
CA LYS C 265 -20.87 13.31 -3.65
C LYS C 265 -21.68 14.05 -4.71
N ASP C 266 -22.10 15.28 -4.44
CA ASP C 266 -22.82 16.09 -5.42
C ASP C 266 -21.88 16.85 -6.38
N ARG C 267 -20.59 16.97 -6.05
CA ARG C 267 -19.66 17.82 -6.79
C ARG C 267 -19.37 17.20 -8.14
N MET C 268 -19.11 18.06 -9.13
CA MET C 268 -18.61 17.70 -10.44
C MET C 268 -17.52 16.65 -10.31
N ASP C 269 -17.54 15.64 -11.17
CA ASP C 269 -16.44 14.68 -11.20
C ASP C 269 -15.51 15.01 -12.36
N PHE C 270 -14.43 14.25 -12.45
CA PHE C 270 -13.37 14.59 -13.39
C PHE C 270 -13.84 14.54 -14.83
N ASP C 271 -14.58 13.50 -15.19
CA ASP C 271 -15.04 13.38 -16.57
C ASP C 271 -15.90 14.59 -16.96
N GLU C 272 -16.81 15.02 -16.10
CA GLU C 272 -17.63 16.20 -16.37
C GLU C 272 -16.78 17.46 -16.50
N PHE C 273 -15.77 17.60 -15.63
CA PHE C 273 -14.86 18.73 -15.70
C PHE C 273 -14.12 18.76 -17.01
N PHE C 274 -13.49 17.64 -17.37
CA PHE C 274 -12.64 17.65 -18.55
C PHE C 274 -13.42 17.97 -19.82
N HIS C 275 -14.71 17.63 -19.85
CA HIS C 275 -15.54 17.79 -21.04
C HIS C 275 -16.53 18.95 -20.88
N HIS C 276 -16.33 19.83 -19.91
CA HIS C 276 -17.36 20.80 -19.57
C HIS C 276 -17.43 21.80 -20.72
N PRO C 277 -18.65 22.21 -21.15
CA PRO C 277 -18.80 23.17 -22.25
C PRO C 277 -18.02 24.48 -22.10
N PHE C 278 -17.78 24.94 -20.86
CA PHE C 278 -16.99 26.14 -20.66
C PHE C 278 -15.63 26.01 -21.34
N LEU C 279 -15.06 24.81 -21.31
CA LEU C 279 -13.72 24.63 -21.84
C LEU C 279 -13.70 24.50 -23.37
N ASP C 280 -14.83 24.38 -24.08
CA ASP C 280 -14.75 24.33 -25.55
C ASP C 280 -14.25 25.64 -26.17
N ALA C 281 -13.67 25.56 -27.38
CA ALA C 281 -13.35 26.74 -28.20
C ALA C 281 -14.64 27.40 -28.71
N THR D 9 -33.20 -26.54 -3.91
CA THR D 9 -33.24 -25.06 -3.99
C THR D 9 -32.48 -24.42 -2.82
N GLU D 10 -31.47 -23.60 -3.13
CA GLU D 10 -30.74 -22.84 -2.13
C GLU D 10 -31.01 -21.36 -2.36
N THR D 11 -30.87 -20.52 -1.32
CA THR D 11 -31.14 -19.10 -1.46
C THR D 11 -29.89 -18.34 -1.03
N VAL D 12 -29.69 -17.18 -1.66
CA VAL D 12 -28.69 -16.21 -1.29
C VAL D 12 -29.38 -14.86 -1.42
N GLY D 13 -29.69 -14.22 -0.29
CA GLY D 13 -30.39 -12.96 -0.34
C GLY D 13 -31.75 -13.13 -1.03
N LYS D 14 -32.06 -12.20 -1.92
CA LYS D 14 -33.28 -12.22 -2.73
C LYS D 14 -33.23 -13.18 -3.94
N PHE D 15 -32.27 -14.12 -3.98
CA PHE D 15 -32.04 -14.94 -5.16
C PHE D 15 -32.03 -16.41 -4.77
N GLU D 16 -32.25 -17.29 -5.77
CA GLU D 16 -32.21 -18.72 -5.51
C GLU D 16 -31.68 -19.49 -6.72
N PHE D 17 -31.23 -20.71 -6.47
CA PHE D 17 -30.66 -21.56 -7.48
C PHE D 17 -30.74 -23.01 -7.05
N SER D 18 -30.69 -23.90 -8.05
CA SER D 18 -30.53 -25.32 -7.82
C SER D 18 -29.19 -25.77 -8.36
N ARG D 19 -28.51 -26.64 -7.62
CA ARG D 19 -27.24 -27.20 -8.06
C ARG D 19 -27.40 -28.19 -9.21
N LYS D 20 -28.63 -28.45 -9.63
CA LYS D 20 -28.83 -29.23 -10.83
C LYS D 20 -28.54 -28.38 -12.06
N ASP D 21 -28.54 -27.05 -11.93
CA ASP D 21 -28.41 -26.17 -13.08
C ASP D 21 -26.99 -25.64 -13.22
N LEU D 22 -26.02 -26.56 -13.24
CA LEU D 22 -24.62 -26.24 -13.41
C LEU D 22 -24.40 -25.64 -14.80
N ILE D 23 -23.78 -24.44 -14.87
CA ILE D 23 -23.45 -23.84 -16.16
C ILE D 23 -21.95 -23.62 -16.34
N GLY D 24 -21.13 -23.93 -15.33
CA GLY D 24 -19.68 -23.89 -15.50
C GLY D 24 -18.97 -24.42 -14.27
N HIS D 25 -17.81 -25.02 -14.50
CA HIS D 25 -16.95 -25.45 -13.43
C HIS D 25 -15.51 -25.28 -13.87
N GLY D 26 -14.68 -24.87 -12.91
CA GLY D 26 -13.24 -24.81 -13.07
C GLY D 26 -12.64 -25.21 -11.74
N ALA D 27 -11.32 -25.20 -11.66
CA ALA D 27 -10.66 -25.63 -10.45
C ALA D 27 -11.04 -24.73 -9.26
N PHE D 28 -11.39 -23.45 -9.51
CA PHE D 28 -11.57 -22.51 -8.41
C PHE D 28 -12.99 -21.93 -8.30
N ALA D 29 -13.95 -22.43 -9.07
CA ALA D 29 -15.32 -21.96 -8.97
C ALA D 29 -16.29 -22.90 -9.69
N VAL D 30 -17.53 -22.93 -9.20
CA VAL D 30 -18.65 -23.57 -9.85
C VAL D 30 -19.75 -22.54 -9.97
N VAL D 31 -20.43 -22.54 -11.11
CA VAL D 31 -21.44 -21.55 -11.39
C VAL D 31 -22.75 -22.26 -11.74
N PHE D 32 -23.83 -21.77 -11.15
CA PHE D 32 -25.17 -22.32 -11.36
C PHE D 32 -26.08 -21.24 -11.89
N LYS D 33 -27.00 -21.63 -12.75
CA LYS D 33 -28.04 -20.72 -13.15
C LYS D 33 -29.05 -20.58 -12.01
N GLY D 34 -29.62 -19.39 -11.81
CA GLY D 34 -30.60 -19.14 -10.77
C GLY D 34 -31.51 -18.00 -11.18
N ARG D 35 -32.26 -17.45 -10.22
CA ARG D 35 -33.21 -16.39 -10.50
C ARG D 35 -33.51 -15.61 -9.23
N HIS D 36 -34.09 -14.43 -9.42
CA HIS D 36 -34.67 -13.64 -8.35
C HIS D 36 -35.85 -14.42 -7.76
N ARG D 37 -35.94 -14.45 -6.42
CA ARG D 37 -36.95 -15.23 -5.74
C ARG D 37 -38.35 -14.63 -5.96
N GLU D 38 -38.43 -13.32 -6.16
CA GLU D 38 -39.70 -12.64 -6.38
C GLU D 38 -40.00 -12.54 -7.88
N LYS D 39 -39.02 -12.12 -8.69
CA LYS D 39 -39.22 -11.95 -10.12
C LYS D 39 -38.53 -13.09 -10.87
N HIS D 40 -39.25 -14.19 -11.08
CA HIS D 40 -38.65 -15.42 -11.57
C HIS D 40 -38.03 -15.26 -12.96
N ASP D 41 -38.46 -14.23 -13.69
CA ASP D 41 -37.98 -13.95 -15.03
C ASP D 41 -36.58 -13.32 -15.00
N LEU D 42 -36.14 -12.78 -13.86
CA LEU D 42 -34.80 -12.21 -13.76
C LEU D 42 -33.79 -13.32 -13.48
N GLU D 43 -33.01 -13.67 -14.51
CA GLU D 43 -32.06 -14.75 -14.44
C GLU D 43 -30.73 -14.20 -13.90
N VAL D 44 -30.01 -15.05 -13.16
CA VAL D 44 -28.72 -14.70 -12.58
C VAL D 44 -27.88 -15.96 -12.62
N ALA D 45 -26.59 -15.81 -12.31
CA ALA D 45 -25.68 -16.90 -12.20
C ALA D 45 -25.04 -16.81 -10.82
N VAL D 46 -25.02 -17.94 -10.11
CA VAL D 46 -24.50 -17.93 -8.76
C VAL D 46 -23.18 -18.67 -8.75
N LYS D 47 -22.12 -17.96 -8.35
CA LYS D 47 -20.81 -18.54 -8.33
C LYS D 47 -20.45 -18.93 -6.90
N CYS D 48 -19.93 -20.15 -6.77
CA CYS D 48 -19.70 -20.85 -5.51
C CYS D 48 -18.30 -21.42 -5.49
N ILE D 49 -17.84 -21.72 -4.28
CA ILE D 49 -16.58 -22.39 -4.07
C ILE D 49 -16.59 -23.73 -4.77
N ASN D 50 -15.43 -24.09 -5.32
CA ASN D 50 -15.15 -25.46 -5.67
C ASN D 50 -14.38 -26.11 -4.52
N LYS D 51 -15.04 -27.06 -3.85
CA LYS D 51 -14.55 -27.64 -2.60
C LYS D 51 -13.28 -28.47 -2.84
N LYS D 52 -13.04 -28.91 -4.08
CA LYS D 52 -11.82 -29.63 -4.40
C LYS D 52 -10.59 -28.73 -4.27
N ASN D 53 -10.77 -27.40 -4.24
CA ASN D 53 -9.65 -26.49 -4.03
C ASN D 53 -10.13 -25.38 -3.11
N LEU D 54 -10.53 -25.76 -1.90
CA LEU D 54 -11.36 -24.91 -1.06
C LEU D 54 -10.65 -23.58 -0.75
N ALA D 55 -9.41 -23.64 -0.29
CA ALA D 55 -8.76 -22.43 0.20
C ALA D 55 -8.54 -21.45 -0.96
N LYS D 56 -8.03 -21.94 -2.09
CA LYS D 56 -7.71 -21.04 -3.17
C LYS D 56 -8.99 -20.51 -3.80
N SER D 57 -9.99 -21.39 -3.91
CA SER D 57 -11.30 -20.99 -4.41
C SER D 57 -11.89 -19.88 -3.56
N GLN D 58 -11.83 -20.06 -2.24
CA GLN D 58 -12.33 -19.04 -1.33
C GLN D 58 -11.61 -17.70 -1.52
N THR D 59 -10.28 -17.76 -1.66
CA THR D 59 -9.48 -16.55 -1.87
C THR D 59 -9.88 -15.83 -3.16
N LEU D 60 -10.02 -16.58 -4.25
CA LEU D 60 -10.28 -15.97 -5.55
C LEU D 60 -11.66 -15.35 -5.60
N LEU D 61 -12.68 -16.05 -5.07
CA LEU D 61 -14.03 -15.49 -5.04
CA LEU D 61 -14.02 -15.49 -5.03
C LEU D 61 -14.07 -14.23 -4.16
N GLY D 62 -13.36 -14.25 -3.06
CA GLY D 62 -13.27 -13.04 -2.23
C GLY D 62 -12.63 -11.86 -2.96
N LYS D 63 -11.60 -12.12 -3.74
CA LYS D 63 -10.93 -11.07 -4.50
C LYS D 63 -11.86 -10.55 -5.58
N GLU D 64 -12.62 -11.44 -6.22
CA GLU D 64 -13.54 -11.03 -7.26
C GLU D 64 -14.62 -10.13 -6.69
N ILE D 65 -15.16 -10.44 -5.47
CA ILE D 65 -16.09 -9.51 -4.85
C ILE D 65 -15.45 -8.13 -4.65
N LYS D 66 -14.26 -8.12 -4.08
CA LYS D 66 -13.58 -6.86 -3.77
C LYS D 66 -13.41 -5.97 -5.00
N ILE D 67 -13.08 -6.60 -6.13
CA ILE D 67 -12.88 -5.84 -7.37
C ILE D 67 -14.19 -5.46 -8.02
N LEU D 68 -15.10 -6.41 -8.19
CA LEU D 68 -16.32 -6.15 -8.92
C LEU D 68 -17.27 -5.23 -8.19
N LYS D 69 -17.21 -5.16 -6.87
CA LYS D 69 -18.08 -4.21 -6.21
C LYS D 69 -17.67 -2.78 -6.58
N GLU D 70 -16.46 -2.57 -7.15
CA GLU D 70 -16.05 -1.22 -7.54
C GLU D 70 -16.18 -0.93 -9.05
N LEU D 71 -16.62 -1.91 -9.86
CA LEU D 71 -16.65 -1.79 -11.32
C LEU D 71 -18.08 -1.96 -11.80
N LYS D 72 -18.70 -0.91 -12.33
CA LYS D 72 -20.02 -1.04 -12.92
C LYS D 72 -19.91 -0.57 -14.36
N HIS D 73 -20.13 -1.49 -15.28
CA HIS D 73 -19.99 -1.16 -16.69
C HIS D 73 -20.76 -2.18 -17.50
N GLU D 74 -21.39 -1.73 -18.59
CA GLU D 74 -22.19 -2.64 -19.40
C GLU D 74 -21.36 -3.75 -20.05
N ASN D 75 -20.02 -3.59 -20.13
CA ASN D 75 -19.17 -4.61 -20.73
C ASN D 75 -18.32 -5.31 -19.68
N ILE D 76 -18.73 -5.26 -18.41
CA ILE D 76 -18.13 -6.05 -17.34
C ILE D 76 -19.25 -6.81 -16.64
N VAL D 77 -19.02 -8.08 -16.38
CA VAL D 77 -20.03 -8.92 -15.73
CA VAL D 77 -20.04 -8.91 -15.73
C VAL D 77 -20.48 -8.22 -14.44
N ALA D 78 -21.79 -8.12 -14.24
CA ALA D 78 -22.34 -7.42 -13.08
C ALA D 78 -22.37 -8.36 -11.87
N LEU D 79 -22.17 -7.74 -10.70
CA LEU D 79 -22.27 -8.39 -9.41
C LEU D 79 -23.49 -7.78 -8.69
N TYR D 80 -24.59 -8.55 -8.62
CA TYR D 80 -25.83 -8.06 -8.06
C TYR D 80 -25.79 -8.08 -6.53
N ASP D 81 -25.22 -9.15 -5.97
CA ASP D 81 -25.10 -9.32 -4.53
C ASP D 81 -24.08 -10.39 -4.29
N PHE D 82 -23.76 -10.62 -3.02
CA PHE D 82 -22.78 -11.59 -2.63
C PHE D 82 -23.01 -11.91 -1.16
N GLN D 83 -22.42 -13.00 -0.72
CA GLN D 83 -22.49 -13.40 0.68
C GLN D 83 -21.19 -14.06 1.06
N GLU D 84 -20.40 -13.34 1.87
CA GLU D 84 -19.13 -13.84 2.34
C GLU D 84 -19.17 -14.10 3.85
N MET D 85 -18.73 -15.30 4.26
CA MET D 85 -18.70 -15.75 5.64
C MET D 85 -17.35 -16.39 5.87
N ALA D 86 -17.08 -16.88 7.08
CA ALA D 86 -15.79 -17.45 7.35
C ALA D 86 -15.50 -18.66 6.47
N ASN D 87 -16.51 -19.52 6.23
CA ASN D 87 -16.24 -20.81 5.62
C ASN D 87 -16.98 -20.96 4.29
N SER D 88 -17.62 -19.91 3.76
CA SER D 88 -18.33 -20.01 2.52
C SER D 88 -18.38 -18.64 1.85
N VAL D 89 -18.53 -18.65 0.53
CA VAL D 89 -18.66 -17.42 -0.25
CA VAL D 89 -18.70 -17.42 -0.24
C VAL D 89 -19.52 -17.73 -1.48
N TYR D 90 -20.44 -16.82 -1.78
CA TYR D 90 -21.30 -16.86 -2.94
C TYR D 90 -21.30 -15.50 -3.61
N LEU D 91 -21.31 -15.48 -4.96
CA LEU D 91 -21.53 -14.27 -5.72
C LEU D 91 -22.79 -14.45 -6.57
N VAL D 92 -23.67 -13.47 -6.54
CA VAL D 92 -24.81 -13.44 -7.44
C VAL D 92 -24.51 -12.46 -8.56
N MET D 93 -24.38 -13.03 -9.76
CA MET D 93 -23.78 -12.35 -10.90
C MET D 93 -24.71 -12.37 -12.11
N GLU D 94 -24.40 -11.50 -13.07
CA GLU D 94 -25.06 -11.45 -14.34
C GLU D 94 -24.97 -12.79 -15.06
N TYR D 95 -26.12 -13.25 -15.60
CA TYR D 95 -26.18 -14.42 -16.44
C TYR D 95 -26.07 -13.98 -17.90
N CYS D 96 -25.01 -14.45 -18.55
CA CYS D 96 -24.76 -14.09 -19.95
C CYS D 96 -25.30 -15.22 -20.84
N ASN D 97 -26.35 -14.94 -21.61
CA ASN D 97 -27.10 -16.06 -22.21
C ASN D 97 -26.44 -16.64 -23.47
N GLY D 98 -25.33 -16.02 -23.96
CA GLY D 98 -24.62 -16.49 -25.14
C GLY D 98 -23.41 -17.37 -24.87
N GLY D 99 -23.11 -17.66 -23.60
CA GLY D 99 -21.94 -18.44 -23.23
C GLY D 99 -20.66 -17.60 -23.44
N ASP D 100 -19.56 -18.27 -23.74
CA ASP D 100 -18.27 -17.58 -23.82
C ASP D 100 -17.82 -17.44 -25.29
N LEU D 101 -16.83 -16.56 -25.47
CA LEU D 101 -16.25 -16.32 -26.78
C LEU D 101 -15.56 -17.58 -27.27
N ALA D 102 -15.01 -18.39 -26.38
CA ALA D 102 -14.28 -19.58 -26.80
C ALA D 102 -15.21 -20.51 -27.61
N ASP D 103 -16.41 -20.73 -27.09
CA ASP D 103 -17.34 -21.66 -27.72
C ASP D 103 -17.88 -21.05 -29.02
N TYR D 104 -18.07 -19.74 -29.02
CA TYR D 104 -18.51 -19.02 -30.20
C TYR D 104 -17.48 -19.13 -31.31
N LEU D 105 -16.19 -18.95 -30.99
CA LEU D 105 -15.14 -19.07 -31.97
CA LEU D 105 -15.12 -19.09 -31.96
C LEU D 105 -15.03 -20.51 -32.49
N HIS D 106 -15.21 -21.49 -31.62
CA HIS D 106 -15.14 -22.88 -32.02
C HIS D 106 -16.22 -23.17 -33.08
N ALA D 107 -17.43 -22.65 -32.85
CA ALA D 107 -18.51 -22.83 -33.80
C ALA D 107 -18.28 -22.03 -35.08
N MET D 108 -17.83 -20.78 -34.98
CA MET D 108 -17.71 -19.94 -36.15
C MET D 108 -16.42 -20.20 -36.92
N ARG D 109 -15.39 -20.77 -36.27
CA ARG D 109 -14.03 -20.96 -36.79
C ARG D 109 -13.23 -19.66 -36.77
N THR D 110 -13.69 -18.65 -37.49
CA THR D 110 -13.06 -17.33 -37.48
C THR D 110 -14.20 -16.33 -37.49
N LEU D 111 -13.92 -15.09 -37.03
CA LEU D 111 -14.88 -14.01 -37.10
C LEU D 111 -14.47 -13.02 -38.16
N SER D 112 -15.47 -12.33 -38.74
CA SER D 112 -15.21 -11.26 -39.68
C SER D 112 -14.52 -10.09 -38.98
N GLU D 113 -13.82 -9.25 -39.74
CA GLU D 113 -13.23 -8.04 -39.17
C GLU D 113 -14.30 -7.13 -38.58
N ASP D 114 -15.47 -7.06 -39.23
CA ASP D 114 -16.53 -6.21 -38.70
C ASP D 114 -16.98 -6.70 -37.32
N THR D 115 -17.13 -8.01 -37.15
CA THR D 115 -17.53 -8.57 -35.88
C THR D 115 -16.44 -8.33 -34.83
N ILE D 116 -15.20 -8.59 -35.21
CA ILE D 116 -14.06 -8.33 -34.33
C ILE D 116 -14.06 -6.89 -33.87
N ARG D 117 -14.32 -5.95 -34.77
CA ARG D 117 -14.36 -4.55 -34.39
C ARG D 117 -15.45 -4.27 -33.35
N LEU D 118 -16.64 -4.83 -33.57
CA LEU D 118 -17.74 -4.59 -32.65
C LEU D 118 -17.39 -5.13 -31.26
N PHE D 119 -16.81 -6.33 -31.21
CA PHE D 119 -16.44 -6.94 -29.95
C PHE D 119 -15.32 -6.12 -29.28
N LEU D 120 -14.34 -5.70 -30.07
CA LEU D 120 -13.18 -5.01 -29.52
C LEU D 120 -13.54 -3.61 -29.04
N GLN D 121 -14.50 -2.93 -29.70
CA GLN D 121 -14.97 -1.66 -29.19
C GLN D 121 -15.50 -1.80 -27.75
N GLN D 122 -16.17 -2.90 -27.51
CA GLN D 122 -16.78 -3.17 -26.22
C GLN D 122 -15.72 -3.53 -25.19
N ILE D 123 -14.78 -4.38 -25.55
CA ILE D 123 -13.66 -4.70 -24.68
C ILE D 123 -12.88 -3.44 -24.32
N ALA D 124 -12.63 -2.57 -25.31
CA ALA D 124 -11.96 -1.33 -25.09
C ALA D 124 -12.71 -0.45 -24.07
N GLY D 125 -14.05 -0.40 -24.14
CA GLY D 125 -14.84 0.37 -23.19
C GLY D 125 -14.60 -0.11 -21.76
N ALA D 126 -14.65 -1.44 -21.58
CA ALA D 126 -14.42 -2.03 -20.28
C ALA D 126 -13.01 -1.67 -19.80
N MET D 127 -12.03 -1.81 -20.68
CA MET D 127 -10.63 -1.57 -20.32
C MET D 127 -10.39 -0.13 -19.97
N ARG D 128 -11.11 0.81 -20.57
CA ARG D 128 -10.98 2.20 -20.20
C ARG D 128 -11.34 2.40 -18.72
N LEU D 129 -12.36 1.69 -18.24
CA LEU D 129 -12.73 1.76 -16.83
C LEU D 129 -11.69 1.10 -15.94
N LEU D 130 -11.25 -0.14 -16.26
CA LEU D 130 -10.21 -0.79 -15.47
C LEU D 130 -9.00 0.16 -15.36
N HIS D 131 -8.55 0.69 -16.50
CA HIS D 131 -7.38 1.54 -16.53
C HIS D 131 -7.57 2.82 -15.68
N SER D 132 -8.74 3.44 -15.77
CA SER D 132 -8.99 4.67 -14.99
C SER D 132 -9.04 4.36 -13.50
N LYS D 133 -9.44 3.13 -13.14
CA LYS D 133 -9.50 2.73 -11.74
C LYS D 133 -8.17 2.20 -11.22
N GLY D 134 -7.22 1.94 -12.11
CA GLY D 134 -5.94 1.38 -11.74
C GLY D 134 -5.96 -0.12 -11.45
N ILE D 135 -6.86 -0.84 -12.14
CA ILE D 135 -7.01 -2.28 -11.98
C ILE D 135 -6.51 -3.01 -13.23
N ILE D 136 -5.79 -4.11 -13.00
CA ILE D 136 -5.34 -5.00 -14.07
C ILE D 136 -6.02 -6.35 -13.89
N HIS D 137 -6.42 -6.99 -14.99
CA HIS D 137 -7.28 -8.18 -14.95
C HIS D 137 -6.48 -9.47 -14.74
N ARG D 138 -5.48 -9.67 -15.62
CA ARG D 138 -4.46 -10.69 -15.58
C ARG D 138 -4.95 -12.09 -16.03
N ASP D 139 -6.21 -12.26 -16.46
CA ASP D 139 -6.61 -13.59 -16.94
C ASP D 139 -7.51 -13.47 -18.16
N LEU D 140 -7.15 -12.54 -19.06
CA LEU D 140 -7.97 -12.34 -20.23
C LEU D 140 -7.68 -13.48 -21.23
N LYS D 141 -8.78 -14.10 -21.67
CA LYS D 141 -8.73 -15.23 -22.60
C LYS D 141 -10.17 -15.43 -23.06
N PRO D 142 -10.41 -16.14 -24.20
CA PRO D 142 -11.77 -16.26 -24.69
C PRO D 142 -12.78 -16.90 -23.72
N GLN D 143 -12.33 -17.77 -22.83
CA GLN D 143 -13.20 -18.41 -21.85
C GLN D 143 -13.72 -17.35 -20.85
N ASN D 144 -13.04 -16.20 -20.75
CA ASN D 144 -13.40 -15.17 -19.76
C ASN D 144 -13.99 -13.95 -20.43
N ILE D 145 -14.35 -14.07 -21.71
CA ILE D 145 -15.12 -13.07 -22.41
C ILE D 145 -16.50 -13.69 -22.63
N LEU D 146 -17.53 -13.14 -22.02
CA LEU D 146 -18.88 -13.72 -22.13
C LEU D 146 -19.71 -12.90 -23.08
N LEU D 147 -20.75 -13.56 -23.63
CA LEU D 147 -21.60 -12.97 -24.66
CA LEU D 147 -21.60 -13.00 -24.67
C LEU D 147 -23.06 -13.03 -24.22
N SER D 148 -23.79 -11.99 -24.55
CA SER D 148 -25.20 -11.89 -24.22
C SER D 148 -25.97 -11.32 -25.43
N ASN D 149 -27.09 -11.95 -25.72
CA ASN D 149 -27.90 -11.65 -26.90
C ASN D 149 -29.20 -11.03 -26.38
N PRO D 150 -29.53 -9.75 -26.62
CA PRO D 150 -30.60 -9.08 -25.88
C PRO D 150 -32.00 -9.66 -26.16
N ASN D 156 -27.58 -12.47 -34.05
CA ASN D 156 -26.83 -11.78 -35.13
C ASN D 156 -25.71 -10.94 -34.49
N PRO D 157 -24.49 -10.99 -35.07
CA PRO D 157 -23.32 -10.29 -34.51
C PRO D 157 -23.39 -8.82 -34.14
N ASN D 158 -24.29 -8.04 -34.75
CA ASN D 158 -24.44 -6.63 -34.44
C ASN D 158 -25.06 -6.39 -33.08
N SER D 159 -25.81 -7.36 -32.56
CA SER D 159 -26.57 -7.17 -31.33
C SER D 159 -25.84 -7.80 -30.15
N ILE D 160 -24.79 -8.61 -30.39
CA ILE D 160 -24.12 -9.32 -29.30
C ILE D 160 -23.45 -8.27 -28.40
N ARG D 161 -23.61 -8.48 -27.10
CA ARG D 161 -22.96 -7.64 -26.09
C ARG D 161 -21.92 -8.52 -25.38
N VAL D 162 -20.71 -7.96 -25.22
CA VAL D 162 -19.60 -8.73 -24.66
CA VAL D 162 -19.56 -8.64 -24.70
C VAL D 162 -19.39 -8.25 -23.24
N LYS D 163 -19.03 -9.18 -22.34
CA LYS D 163 -18.75 -8.84 -20.96
C LYS D 163 -17.47 -9.53 -20.53
N ILE D 164 -16.50 -8.72 -20.07
CA ILE D 164 -15.33 -9.32 -19.46
C ILE D 164 -15.73 -9.92 -18.11
N ALA D 165 -15.21 -11.11 -17.83
CA ALA D 165 -15.55 -11.83 -16.61
C ALA D 165 -14.32 -12.39 -15.93
N ASP D 166 -14.53 -13.03 -14.77
CA ASP D 166 -13.54 -13.73 -13.96
CA ASP D 166 -13.53 -13.75 -14.00
C ASP D 166 -12.43 -12.79 -13.50
N PHE D 167 -12.75 -12.04 -12.43
CA PHE D 167 -11.85 -11.05 -11.87
C PHE D 167 -11.11 -11.55 -10.63
N GLY D 168 -11.02 -12.85 -10.46
CA GLY D 168 -10.37 -13.46 -9.31
C GLY D 168 -8.85 -13.20 -9.22
N PHE D 169 -8.19 -12.99 -10.35
CA PHE D 169 -6.78 -12.71 -10.39
C PHE D 169 -6.48 -11.21 -10.53
N ALA D 170 -7.51 -10.38 -10.62
CA ALA D 170 -7.32 -8.97 -10.82
C ALA D 170 -6.75 -8.31 -9.55
N ARG D 171 -6.02 -7.19 -9.78
CA ARG D 171 -5.48 -6.43 -8.65
C ARG D 171 -5.42 -4.96 -8.98
N TYR D 172 -5.42 -4.13 -7.91
CA TYR D 172 -4.97 -2.76 -8.08
C TYR D 172 -3.47 -2.72 -8.27
N LEU D 173 -3.04 -1.90 -9.22
CA LEU D 173 -1.63 -1.63 -9.41
C LEU D 173 -1.44 -0.14 -9.51
N GLN D 174 -0.72 0.40 -8.55
CA GLN D 174 -0.43 1.81 -8.51
C GLN D 174 0.40 2.16 -9.75
N SER D 175 0.16 3.34 -10.33
CA SER D 175 0.64 3.65 -11.68
C SER D 175 2.17 3.72 -11.71
N ASN D 176 2.87 3.91 -10.57
CA ASN D 176 4.32 3.91 -10.60
C ASN D 176 4.91 2.57 -10.13
N MET D 177 4.09 1.54 -10.01
CA MET D 177 4.53 0.26 -9.49
CA MET D 177 4.53 0.26 -9.49
C MET D 177 4.40 -0.82 -10.57
N MET D 178 5.00 -1.98 -10.30
CA MET D 178 4.93 -3.13 -11.21
CA MET D 178 4.90 -3.12 -11.20
C MET D 178 4.45 -4.34 -10.41
N ALA D 179 3.75 -5.27 -11.08
CA ALA D 179 3.31 -6.51 -10.49
C ALA D 179 4.33 -7.60 -10.84
N ALA D 180 4.31 -8.67 -10.06
CA ALA D 180 5.20 -9.79 -10.37
C ALA D 180 4.55 -11.16 -10.16
N TPO D 181 3.29 -11.25 -9.74
CA TPO D 181 2.67 -12.53 -9.49
CB TPO D 181 1.36 -12.40 -8.78
CG2 TPO D 181 0.72 -13.72 -8.49
OG1 TPO D 181 1.65 -11.70 -7.47
P TPO D 181 0.91 -10.27 -7.21
O1P TPO D 181 1.20 -9.36 -8.38
O2P TPO D 181 1.70 -9.81 -5.92
O3P TPO D 181 -0.48 -10.64 -7.03
C TPO D 181 2.48 -13.30 -10.81
O TPO D 181 1.89 -12.78 -11.73
H TPO D 181 2.79 -10.49 -9.62
HA TPO D 181 3.29 -13.04 -8.91
HB TPO D 181 0.74 -11.84 -9.33
HG21 TPO D 181 1.37 -14.44 -8.58
HG22 TPO D 181 -0.02 -13.87 -9.11
HG23 TPO D 181 0.36 -13.72 -7.58
N LEU D 182 2.94 -14.55 -10.83
CA LEU D 182 2.71 -15.41 -11.99
C LEU D 182 1.30 -15.95 -11.97
N CYS D 183 0.46 -15.42 -12.83
CA CYS D 183 -0.90 -15.89 -12.96
C CYS D 183 -1.34 -15.59 -14.40
N GLY D 184 -2.44 -16.22 -14.79
CA GLY D 184 -2.96 -16.11 -16.14
C GLY D 184 -2.89 -17.46 -16.85
N SER D 185 -3.32 -17.45 -18.11
CA SER D 185 -3.26 -18.62 -18.95
CA SER D 185 -3.27 -18.63 -18.96
C SER D 185 -2.07 -18.49 -19.89
N PRO D 186 -1.08 -19.41 -19.88
CA PRO D 186 0.15 -19.26 -20.65
C PRO D 186 0.04 -18.82 -22.10
N MET D 187 -0.93 -19.33 -22.85
CA MET D 187 -1.02 -18.97 -24.26
C MET D 187 -1.45 -17.51 -24.42
N TYR D 188 -2.00 -16.87 -23.36
CA TYR D 188 -2.46 -15.51 -23.45
C TYR D 188 -1.62 -14.55 -22.60
N MET D 189 -0.62 -15.08 -21.91
CA MET D 189 0.29 -14.25 -21.09
C MET D 189 1.22 -13.44 -21.96
N ALA D 190 1.43 -12.17 -21.59
CA ALA D 190 2.50 -11.39 -22.18
C ALA D 190 3.84 -12.03 -21.91
N PRO D 191 4.80 -11.87 -22.84
CA PRO D 191 6.15 -12.39 -22.65
C PRO D 191 6.73 -12.07 -21.27
N GLU D 192 6.58 -10.82 -20.81
CA GLU D 192 7.16 -10.43 -19.54
C GLU D 192 6.53 -11.24 -18.41
N VAL D 193 5.26 -11.61 -18.52
CA VAL D 193 4.63 -12.40 -17.47
C VAL D 193 5.20 -13.82 -17.45
N ILE D 194 5.22 -14.48 -18.62
CA ILE D 194 5.61 -15.88 -18.67
C ILE D 194 7.12 -16.00 -18.42
N MET D 195 7.88 -14.95 -18.68
CA MET D 195 9.32 -14.95 -18.39
C MET D 195 9.62 -14.59 -16.94
N SER D 196 8.62 -14.56 -16.05
CA SER D 196 8.80 -14.27 -14.62
C SER D 196 9.39 -12.88 -14.40
N GLN D 197 9.03 -11.92 -15.22
CA GLN D 197 9.55 -10.57 -15.03
C GLN D 197 8.45 -9.70 -14.40
N HIS D 198 8.82 -8.47 -14.03
CA HIS D 198 7.84 -7.50 -13.61
C HIS D 198 6.97 -7.09 -14.80
N TYR D 199 5.73 -6.70 -14.54
CA TYR D 199 4.81 -6.29 -15.59
C TYR D 199 3.83 -5.26 -15.05
N ASP D 200 3.08 -4.66 -15.99
CA ASP D 200 2.11 -3.64 -15.64
C ASP D 200 0.83 -3.90 -16.46
N GLY D 201 0.02 -2.85 -16.59
CA GLY D 201 -1.28 -2.98 -17.23
C GLY D 201 -1.18 -3.30 -18.73
N LYS D 202 -0.02 -3.06 -19.32
CA LYS D 202 0.15 -3.39 -20.74
C LYS D 202 0.19 -4.89 -21.00
N ALA D 203 0.36 -5.71 -19.94
CA ALA D 203 0.30 -7.15 -20.09
C ALA D 203 -1.09 -7.57 -20.60
N ASP D 204 -2.14 -6.92 -20.09
CA ASP D 204 -3.49 -7.22 -20.54
C ASP D 204 -3.65 -6.87 -22.03
N LEU D 205 -2.96 -5.86 -22.53
CA LEU D 205 -3.11 -5.48 -23.93
C LEU D 205 -2.52 -6.54 -24.86
N TRP D 206 -1.44 -7.20 -24.44
CA TRP D 206 -0.94 -8.37 -25.13
C TRP D 206 -1.99 -9.47 -25.20
N SER D 207 -2.62 -9.77 -24.06
CA SER D 207 -3.67 -10.77 -24.03
C SER D 207 -4.79 -10.42 -25.01
N ILE D 208 -5.18 -9.15 -25.03
CA ILE D 208 -6.23 -8.72 -25.93
C ILE D 208 -5.81 -8.90 -27.39
N GLY D 209 -4.59 -8.51 -27.72
CA GLY D 209 -4.06 -8.75 -29.06
C GLY D 209 -4.13 -10.21 -29.44
N THR D 210 -3.79 -11.10 -28.50
CA THR D 210 -3.82 -12.52 -28.77
CA THR D 210 -3.83 -12.52 -28.72
C THR D 210 -5.24 -12.98 -29.06
N ILE D 211 -6.22 -12.48 -28.30
CA ILE D 211 -7.61 -12.83 -28.52
C ILE D 211 -8.08 -12.33 -29.89
N VAL D 212 -7.73 -11.09 -30.23
CA VAL D 212 -8.12 -10.52 -31.52
C VAL D 212 -7.54 -11.38 -32.66
N TYR D 213 -6.25 -11.71 -32.55
CA TYR D 213 -5.55 -12.53 -33.54
C TYR D 213 -6.23 -13.88 -33.72
N GLN D 214 -6.59 -14.51 -32.59
CA GLN D 214 -7.29 -15.78 -32.58
C GLN D 214 -8.67 -15.69 -33.24
N CYS D 215 -9.39 -14.58 -33.04
CA CYS D 215 -10.67 -14.40 -33.69
C CYS D 215 -10.49 -14.28 -35.23
N LEU D 216 -9.42 -13.60 -35.63
CA LEU D 216 -9.14 -13.34 -37.04
C LEU D 216 -8.74 -14.60 -37.78
N THR D 217 -7.89 -15.42 -37.16
CA THR D 217 -7.18 -16.49 -37.84
C THR D 217 -7.65 -17.86 -37.39
N GLY D 218 -8.25 -17.97 -36.20
CA GLY D 218 -8.57 -19.24 -35.59
C GLY D 218 -7.40 -19.90 -34.89
N LYS D 219 -6.25 -19.24 -34.80
CA LYS D 219 -5.10 -19.82 -34.15
C LYS D 219 -4.41 -18.77 -33.27
N ALA D 220 -3.50 -19.26 -32.44
CA ALA D 220 -2.63 -18.48 -31.61
C ALA D 220 -1.55 -17.84 -32.46
N PRO D 221 -1.12 -16.60 -32.19
CA PRO D 221 -0.07 -15.98 -32.99
C PRO D 221 1.28 -16.66 -32.81
N PHE D 222 1.53 -17.21 -31.63
CA PHE D 222 2.79 -17.86 -31.32
C PHE D 222 2.49 -19.23 -30.71
N GLN D 223 2.53 -20.28 -31.53
CA GLN D 223 2.09 -21.60 -31.12
C GLN D 223 3.27 -22.27 -30.46
N ALA D 224 3.01 -23.09 -29.44
CA ALA D 224 4.06 -23.90 -28.86
C ALA D 224 3.44 -25.20 -28.32
N SER D 225 4.28 -26.17 -27.99
CA SER D 225 3.83 -27.48 -27.52
C SER D 225 3.44 -27.44 -26.05
N SER D 226 4.04 -26.51 -25.30
CA SER D 226 3.83 -26.42 -23.86
C SER D 226 4.13 -24.99 -23.41
N PRO D 227 3.74 -24.59 -22.19
CA PRO D 227 4.17 -23.32 -21.62
C PRO D 227 5.67 -23.12 -21.64
N GLN D 228 6.42 -24.17 -21.30
CA GLN D 228 7.86 -24.07 -21.23
C GLN D 228 8.43 -23.75 -22.62
N ASP D 229 7.90 -24.43 -23.64
CA ASP D 229 8.31 -24.20 -25.02
C ASP D 229 8.02 -22.73 -25.43
N LEU D 230 6.85 -22.23 -25.03
CA LEU D 230 6.44 -20.89 -25.41
C LEU D 230 7.38 -19.87 -24.77
N ARG D 231 7.67 -20.07 -23.50
CA ARG D 231 8.60 -19.22 -22.78
CA ARG D 231 8.60 -19.23 -22.78
C ARG D 231 9.96 -19.19 -23.45
N LEU D 232 10.50 -20.37 -23.82
CA LEU D 232 11.82 -20.42 -24.42
C LEU D 232 11.80 -19.70 -25.77
N PHE D 233 10.70 -19.85 -26.49
CA PHE D 233 10.50 -19.15 -27.75
C PHE D 233 10.59 -17.63 -27.56
N TYR D 234 9.82 -17.08 -26.59
CA TYR D 234 9.93 -15.66 -26.31
C TYR D 234 11.34 -15.26 -25.87
N GLU D 235 12.00 -16.10 -25.04
CA GLU D 235 13.34 -15.75 -24.58
C GLU D 235 14.33 -15.60 -25.75
N LYS D 236 14.24 -16.46 -26.76
CA LYS D 236 15.24 -16.52 -27.84
C LYS D 236 14.93 -15.53 -28.96
N ASN D 237 13.70 -15.01 -29.04
CA ASN D 237 13.33 -14.11 -30.12
C ASN D 237 13.17 -12.69 -29.61
N LYS D 238 14.26 -11.93 -29.60
CA LYS D 238 14.23 -10.57 -29.10
C LYS D 238 13.51 -9.67 -30.09
N THR D 239 13.60 -9.99 -31.38
CA THR D 239 12.72 -9.37 -32.37
C THR D 239 11.65 -10.39 -32.73
N LEU D 240 10.40 -10.05 -32.48
CA LEU D 240 9.29 -10.99 -32.60
CA LEU D 240 9.30 -10.98 -32.64
C LEU D 240 8.22 -10.29 -33.43
N VAL D 241 7.79 -10.93 -34.54
CA VAL D 241 6.79 -10.32 -35.41
C VAL D 241 5.72 -11.34 -35.66
N PRO D 242 4.44 -11.05 -35.34
CA PRO D 242 3.37 -12.02 -35.62
C PRO D 242 3.18 -12.16 -37.12
N THR D 243 2.86 -13.37 -37.54
CA THR D 243 2.41 -13.66 -38.90
C THR D 243 1.01 -13.13 -39.09
N ILE D 244 0.82 -12.16 -39.97
CA ILE D 244 -0.50 -11.60 -40.19
C ILE D 244 -0.91 -11.88 -41.63
N PRO D 245 -2.08 -12.50 -41.88
CA PRO D 245 -2.50 -12.78 -43.27
C PRO D 245 -2.52 -11.53 -44.11
N ALA D 246 -2.00 -11.68 -45.36
CA ALA D 246 -1.92 -10.54 -46.25
C ALA D 246 -3.26 -9.86 -46.47
N ALA D 247 -4.34 -10.64 -46.41
CA ALA D 247 -5.65 -10.07 -46.73
C ALA D 247 -6.19 -9.20 -45.60
N THR D 248 -5.53 -9.23 -44.43
CA THR D 248 -5.93 -8.37 -43.31
C THR D 248 -6.01 -6.90 -43.71
N SER D 249 -7.05 -6.21 -43.23
CA SER D 249 -7.12 -4.78 -43.48
C SER D 249 -5.92 -4.04 -42.88
N ALA D 250 -5.57 -2.89 -43.47
CA ALA D 250 -4.42 -2.15 -43.01
C ALA D 250 -4.55 -1.74 -41.54
N PRO D 251 -5.70 -1.14 -41.09
CA PRO D 251 -5.79 -0.75 -39.68
C PRO D 251 -5.73 -1.95 -38.73
N LEU D 252 -6.33 -3.10 -39.06
CA LEU D 252 -6.28 -4.24 -38.16
C LEU D 252 -4.85 -4.79 -38.10
N ARG D 253 -4.14 -4.82 -39.23
CA ARG D 253 -2.73 -5.19 -39.23
C ARG D 253 -1.95 -4.27 -38.29
N GLN D 254 -2.17 -2.96 -38.38
CA GLN D 254 -1.44 -2.02 -37.55
C GLN D 254 -1.73 -2.29 -36.05
N LEU D 255 -2.99 -2.51 -35.71
CA LEU D 255 -3.37 -2.81 -34.33
CA LEU D 255 -3.38 -2.80 -34.33
C LEU D 255 -2.65 -4.05 -33.82
N LEU D 256 -2.68 -5.14 -34.59
CA LEU D 256 -2.06 -6.38 -34.16
C LEU D 256 -0.55 -6.24 -34.02
N LEU D 257 0.12 -5.56 -34.95
CA LEU D 257 1.56 -5.37 -34.86
C LEU D 257 1.91 -4.59 -33.58
N ALA D 258 1.10 -3.60 -33.24
CA ALA D 258 1.42 -2.73 -32.10
C ALA D 258 1.09 -3.39 -30.77
N LEU D 259 0.03 -4.22 -30.74
CA LEU D 259 -0.32 -4.95 -29.51
C LEU D 259 0.63 -6.09 -29.25
N LEU D 260 1.00 -6.83 -30.32
CA LEU D 260 1.78 -8.03 -30.13
C LEU D 260 3.27 -7.71 -30.25
N GLN D 261 3.71 -6.78 -29.39
CA GLN D 261 5.09 -6.37 -29.26
C GLN D 261 5.62 -7.00 -27.98
N ARG D 262 6.72 -7.73 -28.13
CA ARG D 262 7.35 -8.50 -27.07
C ARG D 262 7.70 -7.63 -25.86
N ASN D 263 8.28 -6.46 -26.12
CA ASN D 263 8.83 -5.63 -25.05
C ASN D 263 7.78 -4.63 -24.59
N HIS D 264 7.40 -4.71 -23.33
CA HIS D 264 6.23 -3.99 -22.85
C HIS D 264 6.40 -2.48 -23.00
N LYS D 265 7.65 -1.99 -22.82
CA LYS D 265 7.86 -0.56 -22.90
C LYS D 265 7.53 -0.04 -24.30
N ASP D 266 7.75 -0.86 -25.33
CA ASP D 266 7.46 -0.48 -26.71
C ASP D 266 6.00 -0.71 -27.10
N ARG D 267 5.27 -1.60 -26.40
CA ARG D 267 3.95 -2.06 -26.82
C ARG D 267 2.99 -0.88 -26.83
N MET D 268 1.94 -0.98 -27.64
CA MET D 268 0.84 -0.02 -27.68
CA MET D 268 0.85 -0.02 -27.68
C MET D 268 0.40 0.30 -26.26
N ASP D 269 0.18 1.57 -25.98
CA ASP D 269 -0.34 1.94 -24.66
C ASP D 269 -1.84 2.15 -24.70
N PHE D 270 -2.44 2.40 -23.54
CA PHE D 270 -3.88 2.43 -23.44
C PHE D 270 -4.46 3.53 -24.31
N ASP D 271 -3.88 4.72 -24.27
CA ASP D 271 -4.44 5.82 -25.04
C ASP D 271 -4.47 5.49 -26.54
N GLU D 272 -3.38 4.91 -27.06
CA GLU D 272 -3.32 4.51 -28.46
C GLU D 272 -4.37 3.46 -28.77
N PHE D 273 -4.56 2.50 -27.84
CA PHE D 273 -5.57 1.46 -28.02
C PHE D 273 -6.95 2.06 -28.10
N PHE D 274 -7.30 2.89 -27.11
CA PHE D 274 -8.67 3.39 -27.05
C PHE D 274 -9.02 4.23 -28.28
N HIS D 275 -8.04 4.87 -28.92
CA HIS D 275 -8.26 5.77 -30.04
C HIS D 275 -7.82 5.15 -31.37
N HIS D 276 -7.58 3.83 -31.40
CA HIS D 276 -6.94 3.23 -32.55
C HIS D 276 -7.88 3.33 -33.75
N PRO D 277 -7.36 3.68 -34.95
CA PRO D 277 -8.20 3.71 -36.17
C PRO D 277 -9.02 2.48 -36.47
N PHE D 278 -8.55 1.27 -36.08
CA PHE D 278 -9.33 0.08 -36.29
C PHE D 278 -10.70 0.19 -35.62
N LEU D 279 -10.76 0.85 -34.47
CA LEU D 279 -12.01 0.89 -33.74
C LEU D 279 -12.97 1.95 -34.31
N ASP D 280 -12.58 2.83 -35.23
CA ASP D 280 -13.54 3.79 -35.78
C ASP D 280 -14.69 3.12 -36.56
C1 WYX E . -21.98 -4.44 23.58
C2 WYX E . -19.61 -4.23 22.90
C3 WYX E . -19.48 -3.02 23.58
C4 WYX E . -18.38 -2.19 23.41
C5 WYX E . -17.42 -2.53 22.49
C6 WYX E . -17.50 -3.73 21.82
C8 WYX E . -18.64 -5.83 21.16
C9 WYX E . -19.55 -7.25 22.99
C10 WYX E . -19.26 -8.43 23.64
C11 WYX E . -20.49 -7.80 25.42
C14 WYX E . -22.34 -7.85 28.70
C15 WYX E . -22.37 -6.13 27.35
C17 WYX E . -23.14 -7.22 31.69
C18 WYX E . -23.74 -8.39 32.46
C20 WYX E . -25.22 -7.70 30.30
N1 WYX E . -20.73 -5.10 23.19
C7 WYX E . -18.57 -4.62 22.04
O1 WYX E . -18.16 -5.75 20.02
N2 WYX E . -19.10 -7.01 21.66
N3 WYX E . -19.65 -8.70 24.87
N4 WYX E . -20.83 -6.62 24.89
C12 WYX E . -20.39 -6.32 23.65
N5 WYX E . -20.93 -8.12 26.71
C13 WYX E . -21.83 -7.40 27.50
N6 WYX E . -23.13 -6.90 29.20
N7 WYX E . -23.19 -5.83 28.36
C16 WYX E . -23.95 -6.86 30.44
N8 WYX E . -25.18 -8.21 32.77
C19 WYX E . -25.99 -7.81 31.61
C21 WYX E . -19.07 -8.20 20.77
H1 WYX E . -22.70 -5.10 23.60
H2 WYX E . -22.19 -3.75 22.94
H3 WYX E . -21.88 -4.05 24.47
H4 WYX E . -20.13 -2.79 24.23
H5 WYX E . -18.32 -1.38 23.88
H6 WYX E . -16.67 -1.97 22.36
H7 WYX E . -16.84 -3.96 21.19
H8 WYX E . -18.72 -9.08 23.20
H10 WYX E . -22.16 -8.69 29.13
H11 WYX E . -22.23 -5.55 26.62
H13 WYX E . -22.23 -7.45 31.44
H14 WYX E . -23.08 -6.45 32.28
H15 WYX E . -23.26 -8.50 33.30
H16 WYX E . -23.65 -9.20 31.94
H20 WYX E . -24.99 -8.58 29.98
H21 WYX E . -25.81 -7.28 29.64
H9 WYX E . -20.61 -8.84 27.07
H12 WYX E . -24.23 -5.93 30.56
H17 WYX E . -25.49 -8.98 33.08
H19 WYX E . -26.70 -8.46 31.51
H18 WYX E . -26.40 -6.96 31.82
H23 WYX E . -19.82 -8.78 20.97
H24 WYX E . -18.23 -8.68 20.91
H22 WYX E . -19.13 -7.91 19.84
MG MG F . 2.23 8.65 17.53
MG MG G . -10.84 0.50 16.54
NA NA H . -5.77 11.78 27.83
C1 WYX I . 31.74 -6.27 -1.34
C2 WYX I . 29.53 -6.69 -0.36
C3 WYX I . 29.58 -8.00 -0.82
C4 WYX I . 28.46 -8.79 -0.77
C5 WYX I . 27.27 -8.28 -0.31
C6 WYX I . 27.18 -6.95 0.05
C8 WYX I . 28.14 -4.72 0.46
C9 WYX I . 30.30 -4.61 1.70
C10 WYX I . 30.82 -4.26 2.91
C11 WYX I . 32.68 -5.52 2.54
C14 WYX I . 34.35 -7.86 1.43
C15 WYX I . 35.82 -7.47 2.99
C17 WYX I . 36.18 -9.42 -0.86
C18 WYX I . 36.22 -10.56 -1.88
C20 WYX I . 34.24 -10.62 0.19
N1 WYX I . 30.72 -5.90 -0.37
C7 WYX I . 28.33 -6.15 0.08
O1 WYX I . 27.08 -4.17 0.17
N2 WYX I . 29.04 -4.08 1.22
N3 WYX I . 31.97 -4.74 3.37
N4 WYX I . 32.27 -5.89 1.32
C12 WYX I . 31.09 -5.45 0.89
N5 WYX I . 33.88 -5.99 3.01
C13 WYX I . 34.62 -7.01 2.46
N6 WYX I . 35.35 -8.78 1.38
N7 WYX I . 36.28 -8.51 2.30
C16 WYX I . 35.56 -9.90 0.42
N8 WYX I . 34.92 -11.22 -2.13
C19 WYX I . 34.27 -11.68 -0.89
C21 WYX I . 28.76 -2.70 1.62
H1 WYX I . 32.43 -5.58 -1.37
H2 WYX I . 31.34 -6.34 -2.22
H3 WYX I . 32.15 -7.11 -1.09
H4 WYX I . 30.41 -8.38 -1.06
H5 WYX I . 28.52 -9.69 -1.03
H6 WYX I . 26.49 -8.81 -0.33
H7 WYX I . 26.35 -6.60 0.34
H8 WYX I . 30.31 -3.71 3.47
H10 WYX I . 33.59 -7.87 0.88
H11 WYX I . 36.29 -7.09 3.72
H13 WYX I . 35.67 -8.68 -1.21
H14 WYX I . 37.09 -9.13 -0.67
H15 WYX I . 36.86 -11.23 -1.58
H16 WYX I . 36.55 -10.20 -2.72
H20 WYX I . 33.56 -9.96 -0.06
H21 WYX I . 33.95 -11.02 1.02
H9 WYX I . 34.22 -5.59 3.71
H12 WYX I . 36.17 -10.53 0.84
H17 WYX I . 34.39 -10.64 -2.53
H19 WYX I . 33.36 -11.96 -1.10
H18 WYX I . 34.75 -12.46 -0.55
H23 WYX I . 29.57 -2.18 1.61
H24 WYX I . 28.38 -2.70 2.53
H22 WYX I . 28.12 -2.31 1.01
C1 GOL J . 35.63 -26.67 12.59
O1 GOL J . 35.03 -27.91 13.01
C2 GOL J . 36.77 -26.88 11.59
O2 GOL J . 36.31 -27.62 10.47
C3 GOL J . 37.47 -25.61 11.11
O3 GOL J . 38.66 -25.86 10.30
H11 GOL J . 35.99 -26.21 13.39
H12 GOL J . 34.94 -26.09 12.18
HO1 GOL J . 34.42 -27.73 13.56
H2 GOL J . 37.45 -27.43 12.04
HO2 GOL J . 36.53 -27.19 9.76
H31 GOL J . 37.74 -25.08 11.89
H32 GOL J . 36.83 -25.08 10.57
HO3 GOL J . 38.45 -26.39 9.68
MG MG K . 6.77 -18.71 2.81
MG MG L . 17.78 -8.37 -0.51
NA NA M . 18.03 -24.68 -0.42
C1 WYX N . 9.49 30.35 -6.21
C2 WYX N . 7.84 28.53 -6.48
C3 WYX N . 6.84 29.29 -5.91
C4 WYX N . 5.66 28.70 -5.52
C5 WYX N . 5.45 27.35 -5.73
C6 WYX N . 6.44 26.58 -6.29
C8 WYX N . 8.66 26.23 -7.23
C9 WYX N . 9.43 27.85 -8.97
C10 WYX N . 9.65 27.92 -10.33
C11 WYX N . 9.47 30.19 -10.26
C14 WYX N . 8.50 33.02 -9.27
C15 WYX N . 9.17 33.84 -11.20
C17 WYX N . 8.65 35.73 -7.35
C18 WYX N . 7.95 36.47 -6.21
C20 WYX N . 6.51 34.42 -7.63
N1 WYX N . 9.03 29.18 -6.94
C7 WYX N . 7.64 27.18 -6.69
O1 WYX N . 8.69 25.09 -6.79
N2 WYX N . 9.45 26.56 -8.30
N3 WYX N . 9.65 29.08 -10.99
N4 WYX N . 9.31 30.24 -8.94
C12 WYX N . 9.25 29.07 -8.29
N5 WYX N . 9.49 31.39 -10.95
C13 WYX N . 9.06 32.63 -10.45
N6 WYX N . 8.25 34.33 -9.33
N7 WYX N . 8.66 34.85 -10.51
C16 WYX N . 7.62 35.19 -8.32
N8 WYX N . 6.96 35.62 -5.53
C19 WYX N . 5.89 35.16 -6.45
C21 WYX N . 10.36 25.55 -8.82
H1 WYX N . 10.38 30.61 -6.51
H2 WYX N . 9.53 30.15 -5.26
H3 WYX N . 8.88 31.09 -6.35
H4 WYX N . 6.94 30.22 -5.81
H5 WYX N . 4.97 29.23 -5.15
H6 WYX N . 4.66 26.95 -5.44
H7 WYX N . 6.31 25.65 -6.38
H8 WYX N . 9.77 27.12 -10.82
H10 WYX N . 8.26 32.46 -8.56
H11 WYX N . 9.52 33.93 -12.07
H13 WYX N . 9.18 35.00 -6.99
H14 WYX N . 9.25 36.34 -7.81
H15 WYX N . 7.48 37.25 -6.57
H16 WYX N . 8.60 36.78 -5.57
H20 WYX N . 6.85 33.56 -7.32
H21 WYX N . 5.81 34.23 -8.28
H9 WYX N . 9.81 31.38 -11.75
H12 WYX N . 7.22 35.95 -8.79
H17 WYX N . 6.58 36.10 -4.88
H19 WYX N . 5.30 34.56 -5.96
H18 WYX N . 5.38 35.92 -6.76
H23 WYX N . 11.18 25.97 -9.13
H24 WYX N . 9.94 25.09 -9.58
H22 WYX N . 10.58 24.91 -8.13
C1 GOL O . -9.87 41.75 -17.24
O1 GOL O . -11.30 41.81 -17.33
C2 GOL O . -9.30 43.00 -16.58
O2 GOL O . -9.87 43.13 -15.29
C3 GOL O . -7.78 43.06 -16.49
O3 GOL O . -7.27 44.28 -15.89
H11 GOL O . -9.49 41.66 -18.15
H12 GOL O . -9.61 40.96 -16.72
HO1 GOL O . -11.57 41.10 -17.71
H2 GOL O . -9.59 43.77 -17.11
HO2 GOL O . -9.25 43.22 -14.74
H31 GOL O . -7.40 42.98 -17.41
H32 GOL O . -7.46 42.29 -15.97
HO3 GOL O . -7.92 44.81 -15.76
MG MG P . -13.52 14.72 -1.64
MG MG Q . 1.16 19.40 -2.97
C1 WYX R . -20.00 -20.06 -16.20
C2 WYX R . -18.51 -18.06 -16.23
C3 WYX R . -17.60 -18.67 -17.08
C4 WYX R . -16.34 -18.14 -17.28
C5 WYX R . -15.95 -17.01 -16.60
C6 WYX R . -16.85 -16.38 -15.76
C8 WYX R . -18.99 -16.17 -14.55
C9 WYX R . -21.05 -16.50 -15.89
C10 WYX R . -22.09 -15.76 -16.39
C11 WYX R . -22.59 -17.43 -17.82
C14 WYX R . -24.34 -19.53 -20.37
C15 WYX R . -22.46 -20.29 -19.49
C17 WYX R . -24.26 -22.90 -22.16
C18 WYX R . -25.24 -23.66 -23.07
C20 WYX R . -25.53 -20.85 -22.88
N1 WYX R . -19.85 -18.61 -16.07
C7 WYX R . -18.15 -16.87 -15.59
O1 WYX R . -18.45 -15.60 -13.59
N2 WYX R . -20.31 -16.03 -14.76
N3 WYX R . -22.83 -16.18 -17.40
N4 WYX R . -21.61 -18.22 -17.41
C12 WYX R . -20.83 -17.78 -16.41
N5 WYX R . -23.36 -17.90 -18.90
C13 WYX R . -23.33 -19.17 -19.50
N6 WYX R . -24.06 -20.75 -20.84
N7 WYX R . -22.93 -21.26 -20.29
C16 WYX R . -24.93 -21.60 -21.71
N8 WYX R . -26.60 -23.09 -23.07
C19 WYX R . -26.65 -21.68 -23.50
C21 WYX R . -21.11 -15.31 -13.77
H1 WYX R . -20.88 -20.31 -15.89
H2 WYX R . -19.33 -20.50 -15.65
H3 WYX R . -19.89 -20.32 -17.12
H4 WYX R . -17.87 -19.44 -17.56
H5 WYX R . -15.74 -18.57 -17.87
H6 WYX R . -15.08 -16.65 -16.73
H7 WYX R . -16.57 -15.61 -15.29
H8 WYX R . -22.28 -14.90 -16.02
H10 WYX R . -25.10 -19.03 -20.60
H11 WYX R . -21.65 -20.36 -19.01
H13 WYX R . -23.45 -22.70 -22.65
H14 WYX R . -24.04 -23.44 -21.40
H15 WYX R . -25.29 -24.58 -22.76
H16 WYX R . -24.90 -23.65 -23.97
H20 WYX R . -24.85 -20.67 -23.55
H21 WYX R . -25.88 -20.00 -22.59
H9 WYX R . -23.92 -17.34 -19.25
H12 WYX R . -25.67 -21.87 -21.13
H17 WYX R . -26.96 -23.18 -22.27
H19 WYX R . -26.58 -21.65 -24.47
H18 WYX R . -27.51 -21.30 -23.25
H23 WYX R . -22.00 -15.70 -13.72
H24 WYX R . -21.19 -14.38 -14.02
H22 WYX R . -20.69 -15.38 -12.90
MG MG S . 3.82 -5.19 -18.70
MG MG T . -8.86 -12.01 -13.08
NA NA U . 1.66 -15.85 -24.60
#